data_8K3H
#
_entry.id   8K3H
#
_cell.length_a   1.00
_cell.length_b   1.00
_cell.length_c   1.00
_cell.angle_alpha   90.00
_cell.angle_beta   90.00
_cell.angle_gamma   90.00
#
_symmetry.space_group_name_H-M   'P 1'
#
loop_
_entity.id
_entity.type
_entity.pdbx_description
1 polymer PseP
2 non-polymer NICOTINAMIDE-ADENINE-DINUCLEOTIDE
#
_entity_poly.entity_id   1
_entity_poly.type   'polypeptide(L)'
_entity_poly.pdbx_seq_one_letter_code
;VNGTFVESIADAHVELRAAMLGSRHHPSPDIPIINHPSASGLDQAFALVEASLTAHGLAIVQMDEPLSTEQFACYARRLG
VLVPEHDEDVQPFVEQGDILHLRTRFGPTDRVGLQPFSSSPLSMHSESSGNALVDQPRYLAFQCLEPGEFAYAPQTLLID
MASIVARISPYNINILARTYYDSQRNSPPLLRYDGQRWVISFRDFQQQPLSWVHEGPTPAGDVLSAIRDLLACMYTAQAS
AVRWARGMFMVFDNQRYMHARSKGHFVLDQQDRHLLRARIRARTPDLNVLAAVDDGDSRVLFARPASGRIPQLPDDFRQT
SAVEPNQVEETPDTFIDERTLEVFSRALNPTNPMELRNLWLGRVEAELGDNALRPEYADLWRRSRVRRAVSVEEVLRSTA
TVGMVKELFNAFFRDDLYGALSSKRNIILSSGAVDEDEYGLPAALKETLRFALARNFYGYSDSLGRQPAREAVAAMESVS
MQQGHYEAASVALTMGATHTISSLADFIFRDNPYADAAICAIPNYPPLVQSIAWRHPVLLVPTPSHGGTTSLQALSRAVT
PNTPMVLLQTGTNPCGSLVDELELERFIQSTSLSTLIILDECHEWLGAPRHFSPARQRANVIRVSSLS(LLP)NWSVPGL
KVGWFLADPALVSRYYEFASTSYGGPQSFVYTLVEVLARFERWIIEGRTSIDQQQLREFSASYGLQLGSLSQTYEHYVAE
RRAREQVLLGLRGEATSCLRRASMIVKTPQCSINVFAQIPGSEDSYLSFRNVLRETGVSVYPGILSFYLAGGGFRVTTAR
KWGDLHRGLERLSAGAGNA
;
_entity_poly.pdbx_strand_id   A,B
#
# COMPACT_ATOMS: atom_id res chain seq x y z
N PRO A 332 8.16 -3.89 -38.82
CA PRO A 332 7.02 -4.38 -38.04
C PRO A 332 7.43 -4.84 -36.64
N ASP A 333 6.51 -4.76 -35.69
CA ASP A 333 6.81 -5.17 -34.32
C ASP A 333 6.94 -6.68 -34.24
N THR A 334 7.97 -7.14 -33.54
CA THR A 334 8.21 -8.56 -33.30
C THR A 334 8.02 -8.84 -31.82
N PHE A 335 7.12 -9.77 -31.50
CA PHE A 335 6.81 -10.12 -30.13
C PHE A 335 7.36 -11.47 -29.72
N ILE A 336 7.35 -12.46 -30.62
CA ILE A 336 7.86 -13.79 -30.34
C ILE A 336 8.31 -14.42 -31.66
N ASP A 337 9.31 -15.29 -31.58
CA ASP A 337 9.84 -15.97 -32.75
C ASP A 337 10.42 -17.32 -32.32
N GLU A 338 11.15 -17.96 -33.23
CA GLU A 338 11.75 -19.25 -32.94
C GLU A 338 12.88 -19.15 -31.91
N ARG A 339 13.51 -17.98 -31.78
CA ARG A 339 14.58 -17.83 -30.79
C ARG A 339 14.03 -17.85 -29.37
N THR A 340 12.84 -17.30 -29.17
CA THR A 340 12.23 -17.34 -27.84
C THR A 340 11.87 -18.77 -27.43
N LEU A 341 11.36 -19.56 -28.37
CA LEU A 341 10.96 -20.93 -28.06
C LEU A 341 12.13 -21.82 -27.72
N GLU A 342 13.36 -21.42 -28.08
CA GLU A 342 14.53 -22.25 -27.79
C GLU A 342 14.76 -22.38 -26.29
N VAL A 343 14.60 -21.28 -25.55
CA VAL A 343 14.81 -21.32 -24.11
C VAL A 343 13.80 -22.22 -23.43
N PHE A 344 12.52 -22.10 -23.82
CA PHE A 344 11.47 -22.91 -23.20
C PHE A 344 11.61 -24.38 -23.54
N SER A 345 12.21 -24.71 -24.69
CA SER A 345 12.31 -26.10 -25.12
C SER A 345 13.39 -26.87 -24.36
N ARG A 346 14.45 -26.20 -23.94
CA ARG A 346 15.57 -26.86 -23.27
C ARG A 346 15.43 -26.87 -21.75
N ALA A 347 14.38 -26.27 -21.21
CA ALA A 347 14.24 -26.17 -19.76
C ALA A 347 13.97 -27.54 -19.15
N LEU A 348 14.61 -27.79 -18.00
CA LEU A 348 14.31 -29.00 -17.24
C LEU A 348 12.85 -29.01 -16.80
N ASN A 349 12.40 -27.94 -16.17
CA ASN A 349 11.01 -27.77 -15.77
C ASN A 349 10.49 -26.49 -16.41
N PRO A 350 9.73 -26.56 -17.50
CA PRO A 350 9.25 -25.34 -18.16
C PRO A 350 8.34 -24.49 -17.29
N THR A 351 7.71 -25.08 -16.26
CA THR A 351 6.86 -24.31 -15.38
C THR A 351 7.68 -23.45 -14.42
N ASN A 352 8.89 -23.87 -14.09
CA ASN A 352 9.72 -23.16 -13.13
C ASN A 352 10.20 -21.83 -13.71
N PRO A 353 9.89 -20.69 -13.08
CA PRO A 353 10.37 -19.42 -13.61
C PRO A 353 11.86 -19.21 -13.40
N MET A 354 12.45 -19.81 -12.37
CA MET A 354 13.87 -19.61 -12.10
C MET A 354 14.74 -20.33 -13.13
N GLU A 355 14.33 -21.54 -13.54
CA GLU A 355 15.08 -22.25 -14.57
C GLU A 355 15.02 -21.52 -15.90
N LEU A 356 13.86 -20.95 -16.23
CA LEU A 356 13.74 -20.19 -17.47
C LEU A 356 14.62 -18.94 -17.45
N ARG A 357 14.66 -18.25 -16.32
CA ARG A 357 15.50 -17.06 -16.21
C ARG A 357 16.97 -17.41 -16.33
N ASN A 358 17.39 -18.51 -15.71
CA ASN A 358 18.80 -18.92 -15.78
C ASN A 358 19.20 -19.26 -17.21
N LEU A 359 18.33 -19.97 -17.94
CA LEU A 359 18.62 -20.26 -19.34
C LEU A 359 18.68 -18.99 -20.18
N TRP A 360 17.74 -18.06 -19.96
CA TRP A 360 17.74 -16.82 -20.71
C TRP A 360 18.99 -16.01 -20.42
N LEU A 361 19.39 -15.92 -19.15
CA LEU A 361 20.63 -15.24 -18.79
C LEU A 361 21.84 -16.04 -19.23
N GLY A 362 21.75 -17.37 -19.23
CA GLY A 362 22.87 -18.19 -19.66
C GLY A 362 23.17 -18.04 -21.14
N ARG A 363 22.12 -17.97 -21.97
CA ARG A 363 22.33 -17.76 -23.40
C ARG A 363 22.93 -16.39 -23.68
N VAL A 364 22.46 -15.36 -22.98
CA VAL A 364 23.00 -14.02 -23.15
C VAL A 364 24.47 -13.98 -22.76
N GLU A 365 24.81 -14.59 -21.64
CA GLU A 365 26.18 -14.61 -21.15
C GLU A 365 27.07 -15.61 -21.87
N ALA A 366 26.48 -16.50 -22.68
CA ALA A 366 27.28 -17.37 -23.53
C ALA A 366 27.87 -16.59 -24.70
N GLU A 367 27.10 -15.66 -25.27
CA GLU A 367 27.62 -14.82 -26.34
C GLU A 367 28.72 -13.90 -25.84
N LEU A 368 28.70 -13.55 -24.54
CA LEU A 368 29.75 -12.76 -23.92
C LEU A 368 30.87 -13.71 -23.51
N GLY A 369 31.72 -14.04 -24.49
CA GLY A 369 32.79 -14.98 -24.27
C GLY A 369 33.74 -14.61 -23.15
N ASP A 370 34.47 -13.52 -23.32
CA ASP A 370 35.40 -13.03 -22.30
C ASP A 370 34.79 -11.94 -21.42
N ASN A 371 33.54 -11.57 -21.65
CA ASN A 371 32.88 -10.50 -20.90
C ASN A 371 31.72 -11.01 -20.05
N ALA A 372 31.63 -12.30 -19.83
CA ALA A 372 30.53 -12.86 -19.03
C ALA A 372 30.69 -12.45 -17.58
N LEU A 373 29.65 -11.83 -17.02
CA LEU A 373 29.70 -11.40 -15.63
C LEU A 373 29.67 -12.58 -14.67
N ARG A 374 28.75 -13.53 -14.91
CA ARG A 374 28.61 -14.72 -14.07
C ARG A 374 28.82 -15.96 -14.92
N PRO A 375 30.00 -16.57 -14.88
CA PRO A 375 30.24 -17.75 -15.74
C PRO A 375 29.46 -18.98 -15.31
N GLU A 376 28.85 -18.99 -14.14
CA GLU A 376 28.06 -20.14 -13.71
C GLU A 376 26.86 -20.36 -14.63
N TYR A 377 26.18 -19.28 -15.01
CA TYR A 377 25.02 -19.40 -15.90
C TYR A 377 25.43 -19.73 -17.33
N ALA A 378 26.61 -19.25 -17.76
CA ALA A 378 27.05 -19.52 -19.12
C ALA A 378 27.26 -21.01 -19.36
N ASP A 379 27.86 -21.70 -18.37
CA ASP A 379 28.05 -23.14 -18.50
C ASP A 379 26.73 -23.89 -18.41
N LEU A 380 25.77 -23.36 -17.65
CA LEU A 380 24.47 -24.02 -17.53
C LEU A 380 23.75 -24.06 -18.87
N TRP A 381 23.83 -22.98 -19.65
CA TRP A 381 23.21 -22.97 -20.97
C TRP A 381 23.90 -23.92 -21.94
N ARG A 382 25.23 -24.04 -21.83
CA ARG A 382 25.97 -24.91 -22.74
C ARG A 382 25.55 -26.37 -22.58
N ARG A 383 25.34 -26.81 -21.35
CA ARG A 383 24.97 -28.19 -21.07
C ARG A 383 23.51 -28.50 -21.35
N SER A 384 22.67 -27.48 -21.54
CA SER A 384 21.26 -27.70 -21.81
C SER A 384 21.05 -28.31 -23.18
N ARG A 385 20.01 -29.13 -23.30
CA ARG A 385 19.67 -29.82 -24.54
C ARG A 385 18.18 -29.72 -24.80
N VAL A 386 17.81 -29.78 -26.08
CA VAL A 386 16.40 -29.71 -26.46
C VAL A 386 15.70 -31.00 -26.03
N ARG A 387 14.57 -30.86 -25.34
CA ARG A 387 13.86 -32.04 -24.84
C ARG A 387 12.35 -31.94 -24.99
N ARG A 388 11.83 -30.95 -25.71
CA ARG A 388 10.39 -30.84 -25.93
C ARG A 388 10.15 -29.88 -27.10
N ALA A 389 8.90 -29.85 -27.54
CA ALA A 389 8.45 -28.94 -28.59
C ALA A 389 7.55 -27.87 -27.97
N VAL A 390 7.84 -26.61 -28.26
CA VAL A 390 7.12 -25.48 -27.69
C VAL A 390 6.55 -24.65 -28.84
N SER A 391 5.26 -24.34 -28.74
CA SER A 391 4.57 -23.52 -29.73
C SER A 391 4.40 -22.09 -29.21
N VAL A 392 3.98 -21.20 -30.11
CA VAL A 392 3.78 -19.81 -29.74
C VAL A 392 2.63 -19.67 -28.75
N GLU A 393 1.55 -20.42 -28.96
CA GLU A 393 0.39 -20.34 -28.07
C GLU A 393 0.72 -20.80 -26.66
N GLU A 394 1.60 -21.79 -26.53
CA GLU A 394 1.98 -22.28 -25.20
C GLU A 394 2.70 -21.21 -24.40
N VAL A 395 3.58 -20.45 -25.03
CA VAL A 395 4.35 -19.43 -24.32
C VAL A 395 3.44 -18.33 -23.79
N LEU A 396 2.48 -17.89 -24.60
CA LEU A 396 1.63 -16.77 -24.22
C LEU A 396 0.54 -17.15 -23.23
N ARG A 397 0.28 -18.44 -23.02
CA ARG A 397 -0.74 -18.89 -22.08
C ARG A 397 -0.14 -19.49 -20.81
N SER A 398 1.16 -19.32 -20.61
CA SER A 398 1.87 -19.89 -19.47
C SER A 398 2.17 -18.80 -18.44
N THR A 399 1.91 -19.12 -17.18
CA THR A 399 2.25 -18.19 -16.10
C THR A 399 3.77 -18.14 -15.86
N ALA A 400 4.51 -19.13 -16.37
CA ALA A 400 5.96 -19.09 -16.24
C ALA A 400 6.58 -18.02 -17.13
N THR A 401 5.96 -17.74 -18.28
CA THR A 401 6.45 -16.67 -19.14
C THR A 401 6.37 -15.33 -18.44
N VAL A 402 5.27 -15.06 -17.74
CA VAL A 402 5.17 -13.85 -16.93
C VAL A 402 6.16 -13.91 -15.78
N GLY A 403 6.31 -15.08 -15.16
CA GLY A 403 7.27 -15.22 -14.08
C GLY A 403 8.70 -15.07 -14.55
N MET A 404 9.04 -15.63 -15.71
CA MET A 404 10.40 -15.53 -16.23
C MET A 404 10.76 -14.07 -16.53
N VAL A 405 9.83 -13.32 -17.14
CA VAL A 405 10.09 -11.92 -17.42
C VAL A 405 10.22 -11.12 -16.13
N LYS A 406 9.41 -11.46 -15.13
CA LYS A 406 9.50 -10.75 -13.85
C LYS A 406 10.80 -11.08 -13.11
N GLU A 407 11.28 -12.32 -13.23
CA GLU A 407 12.58 -12.65 -12.65
C GLU A 407 13.70 -11.91 -13.36
N LEU A 408 13.63 -11.82 -14.69
CA LEU A 408 14.57 -10.98 -15.43
C LEU A 408 14.42 -9.53 -15.05
N PHE A 409 13.20 -9.10 -14.73
CA PHE A 409 12.98 -7.75 -14.22
C PHE A 409 13.69 -7.55 -12.88
N ASN A 410 13.62 -8.54 -12.00
CA ASN A 410 14.31 -8.45 -10.72
C ASN A 410 15.82 -8.53 -10.88
N ALA A 411 16.29 -9.43 -11.75
CA ALA A 411 17.73 -9.58 -11.96
C ALA A 411 18.33 -8.35 -12.61
N PHE A 412 17.56 -7.62 -13.42
CA PHE A 412 18.09 -6.43 -14.08
C PHE A 412 18.46 -5.36 -13.06
N PHE A 413 17.63 -5.13 -12.06
CA PHE A 413 17.84 -4.02 -11.14
C PHE A 413 18.82 -4.37 -10.03
N ARG A 414 18.47 -5.35 -9.19
CA ARG A 414 19.27 -5.61 -8.00
C ARG A 414 20.49 -6.48 -8.26
N ASP A 415 20.56 -7.14 -9.41
CA ASP A 415 21.67 -8.04 -9.69
C ASP A 415 22.61 -7.53 -10.78
N ASP A 416 22.12 -6.73 -11.72
CA ASP A 416 22.93 -6.28 -12.85
C ASP A 416 23.18 -4.78 -12.84
N LEU A 417 22.13 -3.96 -12.82
CA LEU A 417 22.32 -2.52 -12.96
C LEU A 417 22.80 -1.89 -11.65
N TYR A 418 22.15 -2.24 -10.55
CA TYR A 418 22.51 -1.70 -9.24
C TYR A 418 23.21 -2.73 -8.37
N GLY A 419 23.64 -3.85 -8.94
CA GLY A 419 24.33 -4.88 -8.19
C GLY A 419 25.79 -5.02 -8.58
N ALA A 420 26.08 -6.05 -9.39
CA ALA A 420 27.47 -6.32 -9.76
C ALA A 420 28.06 -5.22 -10.63
N LEU A 421 27.31 -4.77 -11.63
CA LEU A 421 27.79 -3.76 -12.56
C LEU A 421 27.49 -2.34 -12.13
N SER A 422 27.07 -2.14 -10.88
CA SER A 422 26.80 -0.79 -10.38
C SER A 422 28.06 0.05 -10.43
N SER A 423 27.93 1.27 -10.95
CA SER A 423 29.08 2.17 -11.10
C SER A 423 28.57 3.61 -11.09
N LYS A 424 29.39 4.50 -10.53
CA LYS A 424 29.06 5.92 -10.50
C LYS A 424 29.30 6.63 -11.83
N ARG A 425 30.02 5.99 -12.76
CA ARG A 425 30.29 6.56 -14.07
C ARG A 425 29.25 6.14 -15.11
N ASN A 426 28.25 5.36 -14.72
CA ASN A 426 27.22 4.92 -15.65
C ASN A 426 26.21 6.03 -15.89
N ILE A 427 25.73 6.12 -17.13
CA ILE A 427 24.67 7.04 -17.50
C ILE A 427 23.37 6.24 -17.58
N ILE A 428 22.42 6.57 -16.72
CA ILE A 428 21.19 5.78 -16.58
C ILE A 428 20.16 6.34 -17.56
N LEU A 429 19.94 5.62 -18.65
CA LEU A 429 18.88 5.94 -19.61
C LEU A 429 17.80 4.86 -19.64
N SER A 430 17.66 4.10 -18.54
CA SER A 430 16.73 2.99 -18.47
C SER A 430 15.75 3.13 -17.31
N SER A 431 15.75 4.27 -16.60
CA SER A 431 14.86 4.44 -15.45
C SER A 431 13.40 4.44 -15.87
N GLY A 432 13.09 5.08 -17.00
CA GLY A 432 11.72 5.19 -17.44
C GLY A 432 10.89 6.21 -16.71
N ALA A 433 11.52 7.03 -15.87
CA ALA A 433 10.82 8.03 -15.07
C ALA A 433 11.46 9.40 -15.30
N VAL A 434 10.66 10.45 -15.06
CA VAL A 434 11.15 11.81 -15.23
C VAL A 434 12.12 12.14 -14.11
N ASP A 435 13.19 12.87 -14.45
CA ASP A 435 14.19 13.27 -13.47
C ASP A 435 13.57 14.18 -12.42
N GLU A 436 13.46 13.67 -11.18
CA GLU A 436 12.84 14.45 -10.12
C GLU A 436 13.67 15.67 -9.75
N ASP A 437 15.00 15.57 -9.84
CA ASP A 437 15.85 16.68 -9.44
C ASP A 437 15.81 17.82 -10.45
N GLU A 438 15.54 17.49 -11.72
CA GLU A 438 15.50 18.51 -12.77
C GLU A 438 14.06 18.90 -13.11
N TYR A 439 13.18 17.92 -13.28
CA TYR A 439 11.78 18.17 -13.62
C TYR A 439 10.95 17.50 -12.53
N GLY A 440 10.70 18.24 -11.43
CA GLY A 440 10.05 17.70 -10.27
C GLY A 440 8.64 18.21 -10.08
N LEU A 441 8.14 18.04 -8.86
CA LEU A 441 6.80 18.51 -8.53
C LEU A 441 6.77 20.04 -8.55
N PRO A 442 5.71 20.64 -9.07
CA PRO A 442 5.62 22.11 -9.07
C PRO A 442 5.59 22.66 -7.66
N ALA A 443 6.11 23.89 -7.52
CA ALA A 443 6.19 24.52 -6.20
C ALA A 443 4.82 24.70 -5.57
N ALA A 444 3.79 24.89 -6.40
CA ALA A 444 2.43 25.01 -5.86
C ALA A 444 1.99 23.72 -5.19
N LEU A 445 2.31 22.57 -5.79
CA LEU A 445 1.95 21.28 -5.20
C LEU A 445 2.85 20.91 -4.03
N LYS A 446 4.10 21.37 -4.04
CA LYS A 446 4.98 21.14 -2.89
C LYS A 446 4.57 21.99 -1.71
N GLU A 447 3.92 23.13 -1.96
CA GLU A 447 3.44 23.97 -0.87
C GLU A 447 2.28 23.31 -0.13
N THR A 448 1.46 22.52 -0.82
CA THR A 448 0.35 21.84 -0.17
C THR A 448 0.83 20.73 0.76
N LEU A 449 2.02 20.17 0.51
CA LEU A 449 2.55 19.16 1.42
C LEU A 449 3.11 19.79 2.69
N ARG A 450 3.70 20.98 2.57
CA ARG A 450 4.14 21.71 3.77
C ARG A 450 2.96 22.23 4.56
N PHE A 451 1.84 22.54 3.89
CA PHE A 451 0.65 22.98 4.59
C PHE A 451 0.03 21.85 5.40
N ALA A 452 0.01 20.64 4.84
CA ALA A 452 -0.51 19.49 5.60
C ALA A 452 0.37 19.17 6.79
N LEU A 453 1.68 19.38 6.67
CA LEU A 453 2.57 19.17 7.81
C LEU A 453 2.28 20.15 8.94
N ALA A 454 2.04 21.43 8.59
CA ALA A 454 1.79 22.44 9.61
C ALA A 454 0.44 22.23 10.29
N ARG A 455 -0.55 21.73 9.56
CA ARG A 455 -1.90 21.54 10.08
C ARG A 455 -2.11 20.14 10.64
N ASN A 456 -1.06 19.31 10.69
CA ASN A 456 -1.12 17.95 11.22
C ASN A 456 -2.18 17.11 10.52
N PHE A 457 -2.28 17.28 9.19
CA PHE A 457 -3.22 16.49 8.38
C PHE A 457 -2.62 15.13 8.00
N TYR A 458 -2.29 14.36 9.03
CA TYR A 458 -1.79 12.99 8.85
C TYR A 458 -2.48 12.03 9.82
N GLY A 459 -3.79 12.18 9.99
CA GLY A 459 -4.57 11.28 10.80
C GLY A 459 -5.32 10.25 9.98
N TYR A 460 -6.10 9.42 10.68
CA TYR A 460 -6.93 8.43 10.01
C TYR A 460 -8.02 9.10 9.19
N SER A 461 -8.38 8.47 8.09
CA SER A 461 -9.37 9.03 7.16
C SER A 461 -10.17 7.90 6.55
N ASP A 462 -11.01 8.25 5.57
CA ASP A 462 -11.88 7.29 4.91
C ASP A 462 -11.07 6.29 4.09
N SER A 463 -11.64 5.09 3.92
CA SER A 463 -10.96 4.05 3.16
C SER A 463 -10.86 4.37 1.67
N LEU A 464 -11.84 5.09 1.13
CA LEU A 464 -11.80 5.50 -0.27
C LEU A 464 -11.22 6.89 -0.48
N GLY A 465 -10.87 7.59 0.60
CA GLY A 465 -10.32 8.92 0.50
C GLY A 465 -11.28 9.97 1.03
N ARG A 466 -10.72 11.15 1.30
CA ARG A 466 -11.51 12.26 1.82
C ARG A 466 -12.48 12.77 0.75
N GLN A 467 -13.70 13.12 1.18
CA GLN A 467 -14.77 13.45 0.24
C GLN A 467 -14.46 14.66 -0.63
N PRO A 468 -14.01 15.81 -0.10
CA PRO A 468 -13.66 16.92 -0.99
C PRO A 468 -12.56 16.59 -1.99
N ALA A 469 -11.62 15.72 -1.62
CA ALA A 469 -10.58 15.32 -2.56
C ALA A 469 -11.17 14.53 -3.73
N ARG A 470 -12.12 13.64 -3.44
CA ARG A 470 -12.75 12.86 -4.50
C ARG A 470 -13.64 13.73 -5.38
N GLU A 471 -14.30 14.72 -4.79
CA GLU A 471 -15.15 15.61 -5.57
C GLU A 471 -14.33 16.42 -6.57
N ALA A 472 -13.16 16.90 -6.16
CA ALA A 472 -12.30 17.64 -7.08
C ALA A 472 -11.82 16.77 -8.23
N VAL A 473 -11.48 15.51 -7.94
CA VAL A 473 -11.01 14.60 -8.98
C VAL A 473 -12.11 14.35 -10.00
N ALA A 474 -13.35 14.16 -9.53
CA ALA A 474 -14.46 13.89 -10.44
C ALA A 474 -14.71 15.06 -11.38
N ALA A 475 -14.61 16.29 -10.87
CA ALA A 475 -14.78 17.46 -11.72
C ALA A 475 -13.68 17.55 -12.77
N MET A 476 -12.44 17.20 -12.38
CA MET A 476 -11.34 17.22 -13.34
C MET A 476 -11.56 16.24 -14.47
N GLU A 477 -12.01 15.02 -14.15
CA GLU A 477 -12.19 14.01 -15.18
C GLU A 477 -13.38 14.27 -16.07
N SER A 478 -14.34 15.10 -15.61
CA SER A 478 -15.56 15.33 -16.38
C SER A 478 -15.33 16.26 -17.56
N VAL A 479 -14.50 17.29 -17.37
CA VAL A 479 -14.32 18.29 -18.43
C VAL A 479 -13.62 17.69 -19.64
N SER A 480 -12.84 16.63 -19.45
CA SER A 480 -12.15 15.99 -20.57
C SER A 480 -13.06 15.06 -21.36
N MET A 481 -14.22 14.69 -20.81
CA MET A 481 -15.12 13.79 -21.51
C MET A 481 -15.83 14.53 -22.65
N GLN A 482 -16.04 13.81 -23.76
CA GLN A 482 -16.82 14.37 -24.85
C GLN A 482 -18.27 14.61 -24.42
N GLN A 483 -18.84 13.68 -23.66
CA GLN A 483 -20.18 13.83 -23.12
C GLN A 483 -20.27 13.05 -21.82
N GLY A 484 -20.96 13.62 -20.84
CA GLY A 484 -21.10 13.02 -19.54
C GLY A 484 -20.22 13.69 -18.49
N HIS A 485 -20.44 13.29 -17.24
CA HIS A 485 -19.70 13.83 -16.11
C HIS A 485 -19.43 12.72 -15.11
N TYR A 486 -18.61 13.03 -14.11
CA TYR A 486 -18.22 12.08 -13.08
C TYR A 486 -18.65 12.59 -11.70
N GLU A 487 -18.93 11.66 -10.80
CA GLU A 487 -19.32 11.98 -9.43
C GLU A 487 -18.25 11.47 -8.47
N ALA A 488 -18.29 12.01 -7.25
CA ALA A 488 -17.32 11.59 -6.23
C ALA A 488 -17.49 10.14 -5.82
N ALA A 489 -18.67 9.55 -6.07
CA ALA A 489 -18.88 8.14 -5.78
C ALA A 489 -18.14 7.23 -6.75
N SER A 490 -17.60 7.78 -7.84
CA SER A 490 -16.85 7.01 -8.82
C SER A 490 -15.34 7.08 -8.62
N VAL A 491 -14.87 7.77 -7.59
CA VAL A 491 -13.45 8.03 -7.37
C VAL A 491 -13.02 7.31 -6.10
N ALA A 492 -11.92 6.56 -6.19
CA ALA A 492 -11.32 5.89 -5.04
C ALA A 492 -9.82 6.15 -5.06
N LEU A 493 -9.35 6.93 -4.10
CA LEU A 493 -7.92 7.23 -4.01
C LEU A 493 -7.14 6.00 -3.58
N THR A 494 -5.99 5.77 -4.23
CA THR A 494 -5.16 4.61 -3.94
C THR A 494 -3.71 5.04 -3.88
N MET A 495 -2.85 4.11 -3.48
CA MET A 495 -1.43 4.37 -3.29
C MET A 495 -0.63 3.92 -4.52
N GLY A 496 -0.88 4.60 -5.63
CA GLY A 496 -0.13 4.38 -6.85
C GLY A 496 -0.77 3.33 -7.76
N ALA A 497 -0.30 3.34 -9.01
CA ALA A 497 -0.88 2.47 -10.03
C ALA A 497 -0.51 1.01 -9.83
N THR A 498 0.73 0.73 -9.41
CA THR A 498 1.13 -0.65 -9.17
C THR A 498 0.31 -1.27 -8.04
N HIS A 499 0.09 -0.52 -6.96
CA HIS A 499 -0.74 -1.02 -5.87
C HIS A 499 -2.21 -1.07 -6.26
N THR A 500 -2.65 -0.12 -7.10
CA THR A 500 -4.06 -0.09 -7.52
C THR A 500 -4.41 -1.35 -8.31
N ILE A 501 -3.61 -1.67 -9.34
CA ILE A 501 -3.91 -2.82 -10.18
C ILE A 501 -3.76 -4.11 -9.39
N SER A 502 -2.77 -4.17 -8.49
CA SER A 502 -2.63 -5.33 -7.61
C SER A 502 -3.82 -5.47 -6.69
N SER A 503 -4.30 -4.35 -6.13
CA SER A 503 -5.49 -4.40 -5.29
C SER A 503 -6.73 -4.77 -6.10
N LEU A 504 -6.84 -4.25 -7.32
CA LEU A 504 -8.01 -4.53 -8.16
C LEU A 504 -8.06 -6.01 -8.54
N ALA A 505 -6.91 -6.60 -8.87
CA ALA A 505 -6.89 -8.00 -9.27
C ALA A 505 -7.33 -8.91 -8.12
N ASP A 506 -6.87 -8.62 -6.90
CA ASP A 506 -7.30 -9.40 -5.75
C ASP A 506 -8.78 -9.18 -5.45
N PHE A 507 -9.25 -7.95 -5.61
CA PHE A 507 -10.66 -7.65 -5.36
C PHE A 507 -11.56 -8.30 -6.41
N ILE A 508 -11.13 -8.30 -7.67
CA ILE A 508 -11.96 -8.83 -8.74
C ILE A 508 -12.08 -10.36 -8.64
N PHE A 509 -10.98 -11.04 -8.31
CA PHE A 509 -10.92 -12.49 -8.34
C PHE A 509 -11.17 -13.13 -6.99
N ARG A 510 -12.05 -12.53 -6.17
CA ARG A 510 -12.41 -13.14 -4.90
C ARG A 510 -13.26 -14.39 -5.12
N ASP A 511 -14.41 -14.23 -5.76
CA ASP A 511 -15.30 -15.34 -6.10
C ASP A 511 -15.83 -15.18 -7.51
N ASN A 512 -14.95 -14.83 -8.44
CA ASN A 512 -15.37 -14.56 -9.82
C ASN A 512 -15.74 -15.86 -10.51
N PRO A 513 -16.98 -16.00 -11.00
CA PRO A 513 -17.37 -17.28 -11.62
C PRO A 513 -16.72 -17.52 -12.97
N TYR A 514 -16.38 -16.47 -13.72
CA TYR A 514 -15.84 -16.67 -15.06
C TYR A 514 -14.43 -17.23 -14.99
N ALA A 515 -14.23 -18.39 -15.61
CA ALA A 515 -12.98 -19.14 -15.51
C ALA A 515 -12.06 -18.95 -16.71
N ASP A 516 -12.41 -18.10 -17.66
CA ASP A 516 -11.53 -17.84 -18.78
C ASP A 516 -10.28 -17.10 -18.32
N ALA A 517 -9.21 -17.23 -19.10
CA ALA A 517 -7.96 -16.58 -18.77
C ALA A 517 -8.06 -15.06 -18.89
N ALA A 518 -7.48 -14.36 -17.93
CA ALA A 518 -7.40 -12.91 -18.01
C ALA A 518 -6.49 -12.51 -19.16
N ILE A 519 -6.82 -11.41 -19.82
CA ILE A 519 -6.11 -10.96 -21.01
C ILE A 519 -5.27 -9.74 -20.63
N CYS A 520 -3.96 -9.84 -20.83
CA CYS A 520 -3.03 -8.73 -20.62
C CYS A 520 -2.41 -8.37 -21.97
N ALA A 521 -2.57 -7.12 -22.37
CA ALA A 521 -2.01 -6.65 -23.63
C ALA A 521 -0.54 -6.32 -23.47
N ILE A 522 0.29 -6.84 -24.36
CA ILE A 522 1.73 -6.58 -24.33
C ILE A 522 2.06 -5.65 -25.50
N PRO A 523 3.07 -4.77 -25.37
CA PRO A 523 3.97 -4.59 -24.22
C PRO A 523 3.28 -4.02 -22.99
N ASN A 524 3.76 -4.43 -21.80
CA ASN A 524 3.15 -4.03 -20.54
C ASN A 524 4.23 -3.95 -19.48
N TYR A 525 3.80 -3.72 -18.24
CA TYR A 525 4.71 -3.59 -17.11
C TYR A 525 4.74 -4.91 -16.33
N PRO A 526 5.90 -5.55 -16.18
CA PRO A 526 5.94 -6.88 -15.56
C PRO A 526 5.34 -6.92 -14.15
N PRO A 527 5.55 -5.89 -13.31
CA PRO A 527 4.86 -5.92 -12.01
C PRO A 527 3.35 -5.99 -12.12
N LEU A 528 2.76 -5.33 -13.10
CA LEU A 528 1.31 -5.37 -13.26
C LEU A 528 0.85 -6.73 -13.77
N VAL A 529 1.58 -7.31 -14.73
CA VAL A 529 1.18 -8.59 -15.30
C VAL A 529 1.36 -9.71 -14.28
N GLN A 530 2.46 -9.67 -13.52
CA GLN A 530 2.71 -10.72 -12.53
C GLN A 530 1.65 -10.70 -11.43
N SER A 531 1.19 -9.51 -11.04
CA SER A 531 0.17 -9.42 -10.01
C SER A 531 -1.14 -10.04 -10.47
N ILE A 532 -1.50 -9.84 -11.75
CA ILE A 532 -2.71 -10.47 -12.27
C ILE A 532 -2.51 -11.98 -12.39
N ALA A 533 -1.32 -12.41 -12.80
CA ALA A 533 -1.02 -13.84 -12.86
C ALA A 533 -1.03 -14.51 -11.50
N TRP A 534 -0.93 -13.71 -10.42
CA TRP A 534 -1.04 -14.26 -9.08
C TRP A 534 -2.42 -14.85 -8.84
N ARG A 535 -3.46 -14.16 -9.31
CA ARG A 535 -4.84 -14.53 -8.99
C ARG A 535 -5.46 -15.45 -10.02
N HIS A 536 -5.23 -15.20 -11.30
CA HIS A 536 -5.89 -15.92 -12.38
C HIS A 536 -4.87 -16.20 -13.48
N PRO A 537 -5.06 -17.27 -14.26
CA PRO A 537 -4.22 -17.48 -15.43
C PRO A 537 -4.39 -16.35 -16.44
N VAL A 538 -3.30 -16.03 -17.12
CA VAL A 538 -3.21 -14.85 -17.97
C VAL A 538 -2.88 -15.27 -19.40
N LEU A 539 -3.57 -14.67 -20.36
CA LEU A 539 -3.26 -14.80 -21.78
C LEU A 539 -2.62 -13.50 -22.27
N LEU A 540 -1.50 -13.63 -22.96
CA LEU A 540 -0.77 -12.46 -23.47
C LEU A 540 -1.15 -12.26 -24.93
N VAL A 541 -1.68 -11.07 -25.23
CA VAL A 541 -2.12 -10.75 -26.59
C VAL A 541 -1.27 -9.61 -27.11
N PRO A 542 -0.47 -9.84 -28.15
CA PRO A 542 0.33 -8.74 -28.72
C PRO A 542 -0.55 -7.62 -29.24
N THR A 543 -0.10 -6.39 -29.04
CA THR A 543 -0.84 -5.19 -29.41
C THR A 543 0.11 -4.31 -30.22
N PRO A 544 0.29 -4.61 -31.50
CA PRO A 544 1.32 -3.93 -32.28
C PRO A 544 0.95 -2.48 -32.57
N SER A 545 1.97 -1.70 -32.93
CA SER A 545 1.82 -0.30 -33.25
C SER A 545 2.39 -0.03 -34.64
N HIS A 546 1.72 0.83 -35.40
CA HIS A 546 2.12 1.21 -36.75
C HIS A 546 2.03 2.72 -36.88
N GLY A 547 3.19 3.37 -37.03
CA GLY A 547 3.22 4.81 -37.19
C GLY A 547 2.70 5.57 -35.98
N GLY A 548 3.03 5.10 -34.78
CA GLY A 548 2.59 5.76 -33.57
C GLY A 548 1.15 5.50 -33.18
N THR A 549 0.45 4.63 -33.90
CA THR A 549 -0.94 4.30 -33.62
C THR A 549 -1.01 2.87 -33.11
N THR A 550 -1.56 2.71 -31.91
CA THR A 550 -1.70 1.37 -31.32
C THR A 550 -2.91 0.66 -31.92
N SER A 551 -2.71 -0.57 -32.35
CA SER A 551 -3.74 -1.35 -33.04
C SER A 551 -4.34 -2.36 -32.07
N LEU A 552 -5.66 -2.28 -31.88
CA LEU A 552 -6.39 -3.19 -31.00
C LEU A 552 -7.13 -4.28 -31.77
N GLN A 553 -6.80 -4.48 -33.05
CA GLN A 553 -7.50 -5.48 -33.84
C GLN A 553 -7.29 -6.88 -33.29
N ALA A 554 -6.06 -7.22 -32.90
CA ALA A 554 -5.80 -8.53 -32.31
C ALA A 554 -6.41 -8.65 -30.92
N LEU A 555 -6.41 -7.55 -30.15
CA LEU A 555 -6.98 -7.57 -28.82
C LEU A 555 -8.49 -7.81 -28.86
N SER A 556 -9.18 -7.21 -29.83
CA SER A 556 -10.63 -7.35 -29.93
C SER A 556 -11.03 -8.79 -30.21
N ARG A 557 -10.27 -9.48 -31.06
CA ARG A 557 -10.60 -10.86 -31.39
C ARG A 557 -10.39 -11.80 -30.22
N ALA A 558 -9.38 -11.54 -29.38
CA ALA A 558 -9.07 -12.44 -28.28
C ALA A 558 -10.08 -12.31 -27.15
N VAL A 559 -10.74 -11.17 -27.02
CA VAL A 559 -11.67 -10.95 -25.92
C VAL A 559 -12.92 -11.80 -26.14
N THR A 560 -13.30 -12.56 -25.12
CA THR A 560 -14.46 -13.43 -25.13
C THR A 560 -15.51 -12.91 -24.16
N PRO A 561 -16.78 -13.32 -24.33
CA PRO A 561 -17.82 -12.89 -23.38
C PRO A 561 -17.56 -13.35 -21.95
N ASN A 562 -16.77 -14.40 -21.74
CA ASN A 562 -16.47 -14.90 -20.41
C ASN A 562 -15.13 -14.42 -19.89
N THR A 563 -14.51 -13.43 -20.56
CA THR A 563 -13.24 -12.91 -20.09
C THR A 563 -13.43 -12.13 -18.80
N PRO A 564 -12.70 -12.47 -17.73
CA PRO A 564 -12.89 -11.77 -16.45
C PRO A 564 -12.43 -10.32 -16.49
N MET A 565 -11.20 -10.09 -16.95
CA MET A 565 -10.63 -8.76 -16.94
C MET A 565 -9.66 -8.60 -18.11
N VAL A 566 -9.45 -7.35 -18.50
CA VAL A 566 -8.50 -6.99 -19.55
C VAL A 566 -7.68 -5.81 -19.06
N LEU A 567 -6.36 -5.95 -19.12
CA LEU A 567 -5.44 -4.86 -18.78
C LEU A 567 -4.86 -4.29 -20.07
N LEU A 568 -5.06 -2.99 -20.29
CA LEU A 568 -4.65 -2.35 -21.53
C LEU A 568 -4.15 -0.95 -21.22
N GLN A 569 -3.07 -0.56 -21.89
CA GLN A 569 -2.52 0.79 -21.79
C GLN A 569 -3.07 1.65 -22.91
N THR A 570 -3.58 2.83 -22.55
CA THR A 570 -4.00 3.78 -23.57
C THR A 570 -2.78 4.42 -24.24
N GLY A 571 -1.81 4.84 -23.44
CA GLY A 571 -0.52 5.26 -23.96
C GLY A 571 0.48 4.13 -23.81
N THR A 572 0.98 3.62 -24.93
CA THR A 572 1.75 2.39 -24.92
C THR A 572 3.21 2.64 -24.57
N ASN A 573 3.75 1.82 -23.68
CA ASN A 573 5.13 1.79 -23.27
C ASN A 573 5.77 0.48 -23.73
N PRO A 574 7.02 0.50 -24.22
CA PRO A 574 7.97 1.60 -24.32
C PRO A 574 7.96 2.39 -25.64
N CYS A 575 7.24 1.91 -26.64
CA CYS A 575 7.31 2.51 -27.97
C CYS A 575 6.74 3.92 -28.01
N GLY A 576 5.89 4.29 -27.06
CA GLY A 576 5.31 5.61 -27.07
C GLY A 576 4.11 5.78 -27.98
N SER A 577 3.56 4.69 -28.50
CA SER A 577 2.40 4.78 -29.37
C SER A 577 1.14 5.05 -28.57
N LEU A 578 0.08 5.41 -29.29
CA LEU A 578 -1.17 5.85 -28.67
C LEU A 578 -2.35 5.15 -29.32
N VAL A 579 -3.36 4.84 -28.51
CA VAL A 579 -4.57 4.19 -29.00
C VAL A 579 -5.50 5.23 -29.60
N ASP A 580 -6.04 4.92 -30.78
CA ASP A 580 -7.03 5.80 -31.38
C ASP A 580 -8.33 5.75 -30.57
N GLU A 581 -8.96 6.92 -30.42
CA GLU A 581 -10.16 7.01 -29.60
C GLU A 581 -11.32 6.23 -30.22
N LEU A 582 -11.48 6.29 -31.55
CA LEU A 582 -12.55 5.55 -32.19
C LEU A 582 -12.33 4.05 -32.08
N GLU A 583 -11.09 3.60 -32.27
CA GLU A 583 -10.79 2.17 -32.12
C GLU A 583 -11.00 1.72 -30.68
N LEU A 584 -10.61 2.53 -29.71
CA LEU A 584 -10.85 2.20 -28.31
C LEU A 584 -12.34 2.16 -28.01
N GLU A 585 -13.09 3.12 -28.55
CA GLU A 585 -14.54 3.15 -28.32
C GLU A 585 -15.21 1.92 -28.91
N ARG A 586 -14.81 1.51 -30.11
CA ARG A 586 -15.39 0.32 -30.72
C ARG A 586 -15.04 -0.94 -29.94
N PHE A 587 -13.79 -1.03 -29.46
CA PHE A 587 -13.39 -2.20 -28.69
C PHE A 587 -14.12 -2.26 -27.36
N ILE A 588 -14.30 -1.12 -26.69
CA ILE A 588 -14.97 -1.10 -25.39
C ILE A 588 -16.44 -1.49 -25.55
N GLN A 589 -17.11 -0.93 -26.55
CA GLN A 589 -18.53 -1.20 -26.75
C GLN A 589 -18.81 -2.60 -27.28
N SER A 590 -17.78 -3.35 -27.69
CA SER A 590 -17.93 -4.69 -28.21
C SER A 590 -17.68 -5.76 -27.16
N THR A 591 -17.65 -5.37 -25.88
CA THR A 591 -17.40 -6.30 -24.79
C THR A 591 -18.63 -6.39 -23.89
N SER A 592 -18.85 -7.56 -23.31
CA SER A 592 -19.96 -7.75 -22.39
C SER A 592 -19.69 -7.02 -21.08
N LEU A 593 -20.78 -6.71 -20.37
CA LEU A 593 -20.66 -5.98 -19.12
C LEU A 593 -19.94 -6.78 -18.03
N SER A 594 -19.80 -8.09 -18.21
CA SER A 594 -19.09 -8.93 -17.24
C SER A 594 -17.58 -8.87 -17.41
N THR A 595 -17.08 -8.25 -18.48
CA THR A 595 -15.65 -8.15 -18.73
C THR A 595 -15.18 -6.79 -18.26
N LEU A 596 -14.51 -6.75 -17.10
CA LEU A 596 -13.96 -5.51 -16.59
C LEU A 596 -12.72 -5.11 -17.38
N ILE A 597 -12.67 -3.86 -17.81
CA ILE A 597 -11.57 -3.35 -18.63
C ILE A 597 -10.78 -2.36 -17.78
N ILE A 598 -9.53 -2.71 -17.51
CA ILE A 598 -8.63 -1.83 -16.76
C ILE A 598 -7.81 -1.02 -17.77
N LEU A 599 -7.98 0.29 -17.76
CA LEU A 599 -7.27 1.18 -18.66
C LEU A 599 -6.12 1.85 -17.90
N ASP A 600 -4.89 1.45 -18.22
CA ASP A 600 -3.71 2.06 -17.63
C ASP A 600 -3.38 3.33 -18.40
N GLU A 601 -3.63 4.48 -17.78
CA GLU A 601 -3.49 5.78 -18.43
C GLU A 601 -2.32 6.59 -17.87
N CYS A 602 -1.30 5.91 -17.37
CA CYS A 602 -0.16 6.59 -16.78
C CYS A 602 0.77 7.19 -17.82
N HIS A 603 0.68 6.76 -19.08
CA HIS A 603 1.53 7.27 -20.15
C HIS A 603 0.76 8.09 -21.17
N GLU A 604 -0.52 8.35 -20.94
CA GLU A 604 -1.35 9.12 -21.87
C GLU A 604 -1.19 10.61 -21.57
N TRP A 605 -0.01 11.12 -21.91
CA TRP A 605 0.31 12.54 -21.71
C TRP A 605 1.47 12.91 -22.62
N LEU A 606 1.75 14.21 -22.67
CA LEU A 606 2.82 14.78 -23.48
C LEU A 606 2.62 14.49 -24.97
N GLY A 607 1.45 14.91 -25.46
CA GLY A 607 1.14 14.78 -26.87
C GLY A 607 -0.16 14.05 -27.15
N ALA A 608 -0.77 13.50 -26.11
CA ALA A 608 -2.00 12.75 -26.27
C ALA A 608 -3.20 13.69 -26.34
N PRO A 609 -4.06 13.57 -27.36
CA PRO A 609 -5.30 14.36 -27.43
C PRO A 609 -6.37 13.81 -26.48
N ARG A 610 -6.30 14.26 -25.23
CA ARG A 610 -7.13 13.69 -24.18
C ARG A 610 -8.58 14.15 -24.31
N HIS A 611 -9.26 13.65 -25.34
CA HIS A 611 -10.68 13.89 -25.56
C HIS A 611 -11.37 12.53 -25.53
N PHE A 612 -11.80 12.12 -24.34
CA PHE A 612 -12.27 10.76 -24.11
C PHE A 612 -13.74 10.61 -24.51
N SER A 613 -14.03 9.50 -25.19
CA SER A 613 -15.39 9.19 -25.61
C SER A 613 -16.23 8.74 -24.42
N PRO A 614 -17.56 8.82 -24.53
CA PRO A 614 -18.42 8.34 -23.44
C PRO A 614 -18.26 6.85 -23.15
N ALA A 615 -17.72 6.07 -24.10
CA ALA A 615 -17.50 4.66 -23.85
C ALA A 615 -16.50 4.42 -22.72
N ARG A 616 -15.64 5.39 -22.42
CA ARG A 616 -14.72 5.26 -21.30
C ARG A 616 -15.42 5.31 -19.94
N GLN A 617 -16.69 5.72 -19.90
CA GLN A 617 -17.47 5.76 -18.68
C GLN A 617 -18.41 4.58 -18.55
N ARG A 618 -18.20 3.52 -19.33
CA ARG A 618 -19.06 2.35 -19.29
C ARG A 618 -18.93 1.65 -17.93
N ALA A 619 -19.97 0.89 -17.59
CA ALA A 619 -20.04 0.27 -16.27
C ALA A 619 -18.90 -0.72 -16.03
N ASN A 620 -18.38 -1.33 -17.10
CA ASN A 620 -17.34 -2.35 -16.98
C ASN A 620 -15.95 -1.79 -17.23
N VAL A 621 -15.79 -0.47 -17.30
CA VAL A 621 -14.51 0.16 -17.59
C VAL A 621 -13.96 0.77 -16.31
N ILE A 622 -12.71 0.44 -15.98
CA ILE A 622 -12.01 1.01 -14.84
C ILE A 622 -10.79 1.75 -15.36
N ARG A 623 -10.73 3.05 -15.09
CA ARG A 623 -9.64 3.91 -15.55
C ARG A 623 -8.68 4.16 -14.40
N VAL A 624 -7.43 3.71 -14.56
CA VAL A 624 -6.42 3.79 -13.52
C VAL A 624 -5.36 4.80 -13.96
N SER A 625 -5.02 5.71 -13.06
CA SER A 625 -4.00 6.72 -13.32
C SER A 625 -3.11 6.84 -12.09
N SER A 626 -2.04 7.61 -12.24
CA SER A 626 -1.09 7.80 -11.15
C SER A 626 -0.32 9.10 -11.37
N LEU A 627 0.30 9.59 -10.30
CA LEU A 627 1.08 10.81 -10.34
C LEU A 627 2.57 10.56 -10.53
N SER A 628 2.98 9.30 -10.71
CA SER A 628 4.39 8.94 -10.75
C SER A 628 5.13 9.43 -11.99
N ASN A 630 3.38 11.59 -14.86
CA ASN A 630 2.92 12.91 -15.30
C ASN A 630 3.38 14.03 -14.38
N TRP A 631 3.41 13.75 -13.07
CA TRP A 631 3.86 14.72 -12.08
C TRP A 631 5.18 14.35 -11.43
N SER A 632 5.76 13.20 -11.80
CA SER A 632 7.11 12.79 -11.40
C SER A 632 7.24 12.73 -9.88
N VAL A 633 6.29 12.04 -9.25
CA VAL A 633 6.37 11.76 -7.81
C VAL A 633 6.10 10.28 -7.56
N PRO A 634 6.97 9.38 -8.03
CA PRO A 634 6.77 7.95 -7.74
C PRO A 634 6.88 7.61 -6.26
N GLY A 635 7.71 8.34 -5.51
CA GLY A 635 7.90 8.04 -4.11
C GLY A 635 6.82 8.52 -3.18
N LEU A 636 5.84 9.26 -3.70
CA LEU A 636 4.71 9.71 -2.90
C LEU A 636 3.59 8.68 -2.85
N LYS A 637 3.50 7.79 -3.84
CA LYS A 637 2.48 6.74 -3.89
C LYS A 637 1.07 7.34 -3.85
N VAL A 638 0.77 8.14 -4.87
CA VAL A 638 -0.49 8.86 -4.98
C VAL A 638 -1.17 8.48 -6.29
N GLY A 639 -2.44 8.12 -6.22
CA GLY A 639 -3.18 7.78 -7.42
C GLY A 639 -4.65 7.58 -7.10
N TRP A 640 -5.40 7.17 -8.11
CA TRP A 640 -6.83 6.90 -7.98
C TRP A 640 -7.27 6.11 -9.19
N PHE A 641 -8.51 5.63 -9.14
CA PHE A 641 -9.13 4.98 -10.29
C PHE A 641 -10.59 5.38 -10.37
N LEU A 642 -11.14 5.28 -11.58
CA LEU A 642 -12.53 5.62 -11.85
C LEU A 642 -13.28 4.36 -12.27
N ALA A 643 -14.40 4.10 -11.60
CA ALA A 643 -15.23 2.94 -11.90
C ALA A 643 -16.68 3.30 -11.65
N ASP A 644 -17.56 2.32 -11.82
CA ASP A 644 -18.96 2.52 -11.53
C ASP A 644 -19.17 2.75 -10.03
N PRO A 645 -20.16 3.57 -9.66
CA PRO A 645 -20.39 3.82 -8.23
C PRO A 645 -20.70 2.57 -7.43
N ALA A 646 -21.32 1.57 -8.06
CA ALA A 646 -21.59 0.31 -7.35
C ALA A 646 -20.30 -0.47 -7.10
N LEU A 647 -19.34 -0.38 -8.02
CA LEU A 647 -18.08 -1.09 -7.83
C LEU A 647 -17.21 -0.40 -6.78
N VAL A 648 -17.24 0.93 -6.73
CA VAL A 648 -16.45 1.65 -5.74
C VAL A 648 -16.98 1.39 -4.34
N SER A 649 -18.30 1.24 -4.19
CA SER A 649 -18.89 0.95 -2.89
C SER A 649 -18.40 -0.41 -2.36
N ARG A 650 -18.34 -1.41 -3.23
CA ARG A 650 -17.81 -2.71 -2.82
C ARG A 650 -16.32 -2.64 -2.50
N TYR A 651 -15.58 -1.80 -3.22
CA TYR A 651 -14.15 -1.67 -2.97
C TYR A 651 -13.84 -1.02 -1.63
N TYR A 652 -14.82 -0.36 -1.01
CA TYR A 652 -14.58 0.25 0.30
C TYR A 652 -14.21 -0.79 1.34
N GLU A 653 -14.90 -1.94 1.34
CA GLU A 653 -14.60 -2.98 2.32
C GLU A 653 -13.22 -3.58 2.07
N PHE A 654 -12.83 -3.73 0.80
CA PHE A 654 -11.52 -4.28 0.49
C PHE A 654 -10.41 -3.35 0.95
N ALA A 655 -10.55 -2.04 0.65
CA ALA A 655 -9.50 -1.08 1.01
C ALA A 655 -9.34 -0.96 2.51
N SER A 656 -10.44 -1.04 3.26
CA SER A 656 -10.36 -0.95 4.72
C SER A 656 -9.57 -2.12 5.31
N THR A 657 -9.76 -3.33 4.76
CA THR A 657 -9.06 -4.49 5.27
C THR A 657 -7.63 -4.58 4.75
N SER A 658 -7.44 -4.30 3.47
CA SER A 658 -6.13 -4.50 2.84
C SER A 658 -5.09 -3.52 3.40
N TYR A 659 -5.42 -2.23 3.41
CA TYR A 659 -4.49 -1.22 3.89
C TYR A 659 -5.11 -0.14 4.77
N GLY A 660 -6.43 -0.18 5.00
CA GLY A 660 -7.10 0.76 5.86
C GLY A 660 -7.55 2.03 5.16
N GLY A 661 -6.80 2.48 4.15
CA GLY A 661 -7.15 3.69 3.43
C GLY A 661 -5.93 4.34 2.80
N PRO A 662 -6.15 5.34 1.96
CA PRO A 662 -5.04 6.01 1.28
C PRO A 662 -4.30 6.94 2.23
N GLN A 663 -3.36 7.68 1.64
CA GLN A 663 -2.51 8.61 2.39
C GLN A 663 -3.30 9.88 2.68
N SER A 664 -3.56 10.16 3.94
CA SER A 664 -4.23 11.41 4.29
C SER A 664 -3.30 12.60 4.19
N PHE A 665 -1.98 12.37 4.19
CA PHE A 665 -1.02 13.45 4.11
C PHE A 665 -1.09 14.19 2.78
N VAL A 666 -1.52 13.50 1.71
CA VAL A 666 -1.51 14.08 0.37
C VAL A 666 -2.91 14.51 -0.08
N TYR A 667 -3.87 14.58 0.85
CA TYR A 667 -5.23 14.96 0.46
C TYR A 667 -5.28 16.38 -0.09
N THR A 668 -4.55 17.31 0.55
CA THR A 668 -4.53 18.69 0.07
C THR A 668 -3.89 18.79 -1.31
N LEU A 669 -2.84 18.02 -1.54
CA LEU A 669 -2.19 18.03 -2.85
C LEU A 669 -3.13 17.54 -3.94
N VAL A 670 -3.88 16.48 -3.66
CA VAL A 670 -4.79 15.91 -4.66
C VAL A 670 -5.89 16.92 -4.99
N GLU A 671 -6.46 17.56 -3.96
CA GLU A 671 -7.55 18.51 -4.19
C GLU A 671 -7.07 19.72 -4.98
N VAL A 672 -5.88 20.23 -4.66
CA VAL A 672 -5.35 21.38 -5.39
C VAL A 672 -4.98 21.00 -6.81
N LEU A 673 -4.39 19.81 -6.98
CA LEU A 673 -4.02 19.34 -8.31
C LEU A 673 -5.24 19.19 -9.21
N ALA A 674 -6.31 18.61 -8.67
CA ALA A 674 -7.50 18.33 -9.48
C ALA A 674 -8.20 19.62 -9.89
N ARG A 675 -8.25 20.61 -8.99
CA ARG A 675 -8.93 21.86 -9.31
C ARG A 675 -8.09 22.73 -10.24
N PHE A 676 -6.77 22.72 -10.07
CA PHE A 676 -5.90 23.47 -10.97
C PHE A 676 -5.95 22.91 -12.39
N GLU A 677 -5.93 21.58 -12.52
CA GLU A 677 -5.96 20.97 -13.84
C GLU A 677 -7.30 21.21 -14.53
N ARG A 678 -8.39 21.19 -13.76
CA ARG A 678 -9.72 21.41 -14.35
C ARG A 678 -9.84 22.83 -14.90
N TRP A 679 -9.29 23.81 -14.20
CA TRP A 679 -9.33 25.18 -14.69
C TRP A 679 -8.52 25.35 -15.96
N ILE A 680 -7.39 24.63 -16.07
CA ILE A 680 -6.56 24.72 -17.26
C ILE A 680 -7.31 24.19 -18.48
N ILE A 681 -8.02 23.07 -18.33
CA ILE A 681 -8.77 22.50 -19.44
C ILE A 681 -9.85 23.45 -19.91
N GLU A 682 -10.52 24.13 -18.97
CA GLU A 682 -11.52 25.12 -19.33
C GLU A 682 -10.92 26.39 -19.92
N GLY A 683 -9.60 26.53 -19.93
CA GLY A 683 -8.96 27.70 -20.50
C GLY A 683 -8.91 28.91 -19.60
N ARG A 684 -9.12 28.74 -18.30
CA ARG A 684 -9.08 29.86 -17.37
C ARG A 684 -7.65 30.38 -17.22
N THR A 685 -7.51 31.70 -17.23
CA THR A 685 -6.24 32.36 -17.02
C THR A 685 -6.16 33.11 -15.70
N SER A 686 -7.28 33.67 -15.24
CA SER A 686 -7.35 34.38 -13.98
C SER A 686 -8.38 33.72 -13.07
N ILE A 687 -8.25 33.97 -11.78
CA ILE A 687 -9.09 33.33 -10.76
C ILE A 687 -9.93 34.40 -10.09
N ASP A 688 -11.24 34.27 -10.20
CA ASP A 688 -12.19 35.16 -9.55
C ASP A 688 -12.67 34.54 -8.24
N GLN A 689 -13.67 35.17 -7.62
CA GLN A 689 -14.20 34.65 -6.36
C GLN A 689 -14.96 33.35 -6.55
N GLN A 690 -15.46 33.07 -7.75
CA GLN A 690 -16.20 31.84 -7.99
C GLN A 690 -15.31 30.62 -7.83
N GLN A 691 -14.07 30.69 -8.32
CA GLN A 691 -13.15 29.56 -8.22
C GLN A 691 -12.59 29.40 -6.81
N LEU A 692 -12.37 30.52 -6.10
CA LEU A 692 -11.88 30.43 -4.72
C LEU A 692 -12.92 29.81 -3.80
N ARG A 693 -14.21 30.03 -4.08
CA ARG A 693 -15.26 29.47 -3.24
C ARG A 693 -15.32 27.95 -3.32
N GLU A 694 -14.67 27.35 -4.32
CA GLU A 694 -14.65 25.89 -4.42
C GLU A 694 -13.89 25.27 -3.25
N PHE A 695 -12.82 25.91 -2.82
CA PHE A 695 -12.08 25.45 -1.64
C PHE A 695 -12.82 25.86 -0.37
N SER A 696 -12.53 25.13 0.71
CA SER A 696 -13.15 25.42 1.99
C SER A 696 -12.51 26.64 2.63
N ALA A 697 -13.22 27.22 3.60
CA ALA A 697 -12.72 28.38 4.32
C ALA A 697 -11.67 28.03 5.37
N SER A 698 -11.54 26.75 5.72
CA SER A 698 -10.54 26.34 6.70
C SER A 698 -9.12 26.51 6.17
N TYR A 699 -8.94 26.51 4.85
CA TYR A 699 -7.61 26.69 4.28
C TYR A 699 -7.10 28.12 4.44
N GLY A 700 -8.00 29.09 4.59
CA GLY A 700 -7.59 30.48 4.67
C GLY A 700 -7.01 31.03 3.39
N LEU A 701 -7.58 30.67 2.25
CA LEU A 701 -7.08 31.10 0.96
C LEU A 701 -7.48 32.54 0.68
N GLN A 702 -6.57 33.28 0.05
CA GLN A 702 -6.82 34.66 -0.35
C GLN A 702 -6.90 34.75 -1.87
N LEU A 703 -7.64 35.76 -2.35
CA LEU A 703 -7.80 35.91 -3.79
C LEU A 703 -6.49 36.24 -4.48
N GLY A 704 -5.69 37.13 -3.88
CA GLY A 704 -4.42 37.50 -4.49
C GLY A 704 -3.42 36.36 -4.53
N SER A 705 -3.34 35.58 -3.43
CA SER A 705 -2.35 34.51 -3.36
C SER A 705 -2.75 33.33 -4.24
N LEU A 706 -4.05 32.98 -4.25
CA LEU A 706 -4.50 31.84 -5.05
C LEU A 706 -4.35 32.12 -6.55
N SER A 707 -4.67 33.34 -6.98
CA SER A 707 -4.55 33.69 -8.40
C SER A 707 -3.10 33.64 -8.86
N GLN A 708 -2.18 34.18 -8.06
CA GLN A 708 -0.77 34.14 -8.43
C GLN A 708 -0.24 32.72 -8.44
N THR A 709 -0.67 31.89 -7.47
CA THR A 709 -0.22 30.51 -7.41
C THR A 709 -0.67 29.73 -8.63
N TYR A 710 -1.92 29.91 -9.05
CA TYR A 710 -2.43 29.17 -10.21
C TYR A 710 -1.74 29.60 -11.49
N GLU A 711 -1.51 30.91 -11.67
CA GLU A 711 -0.87 31.39 -12.88
C GLU A 711 0.56 30.89 -13.00
N HIS A 712 1.30 30.87 -11.88
CA HIS A 712 2.66 30.33 -11.91
C HIS A 712 2.65 28.82 -12.11
N TYR A 713 1.63 28.14 -11.58
CA TYR A 713 1.50 26.70 -11.82
C TYR A 713 1.29 26.40 -13.30
N VAL A 714 0.47 27.20 -13.98
CA VAL A 714 0.23 27.01 -15.40
C VAL A 714 1.52 27.19 -16.19
N ALA A 715 2.27 28.24 -15.88
CA ALA A 715 3.53 28.48 -16.59
C ALA A 715 4.53 27.36 -16.34
N GLU A 716 4.60 26.85 -15.11
CA GLU A 716 5.53 25.77 -14.80
C GLU A 716 5.14 24.48 -15.50
N ARG A 717 3.85 24.19 -15.59
CA ARG A 717 3.40 22.98 -16.27
C ARG A 717 3.60 23.09 -17.78
N ARG A 718 3.34 24.26 -18.35
CA ARG A 718 3.54 24.44 -19.79
C ARG A 718 5.02 24.43 -20.14
N ALA A 719 5.86 25.01 -19.30
CA ALA A 719 7.30 24.99 -19.55
C ALA A 719 7.84 23.56 -19.51
N ARG A 720 7.37 22.76 -18.55
CA ARG A 720 7.82 21.37 -18.44
C ARG A 720 7.42 20.57 -19.68
N GLU A 721 6.22 20.83 -20.21
CA GLU A 721 5.76 20.10 -21.39
C GLU A 721 6.62 20.41 -22.61
N GLN A 722 7.06 21.66 -22.77
CA GLN A 722 7.84 22.04 -23.94
C GLN A 722 9.26 21.48 -23.88
N VAL A 723 9.88 21.51 -22.70
CA VAL A 723 11.24 20.98 -22.57
C VAL A 723 11.25 19.48 -22.77
N LEU A 724 10.28 18.77 -22.20
CA LEU A 724 10.23 17.32 -22.36
C LEU A 724 9.96 16.93 -23.81
N LEU A 725 9.13 17.72 -24.51
CA LEU A 725 8.89 17.46 -25.92
C LEU A 725 10.15 17.71 -26.74
N GLY A 726 10.91 18.75 -26.41
CA GLY A 726 12.13 19.02 -27.14
C GLY A 726 13.19 17.95 -26.92
N LEU A 727 13.32 17.45 -25.70
CA LEU A 727 14.29 16.39 -25.42
C LEU A 727 13.91 15.10 -26.14
N ARG A 728 12.62 14.77 -26.17
CA ARG A 728 12.18 13.57 -26.87
C ARG A 728 12.44 13.70 -28.37
N GLY A 729 12.14 14.87 -28.95
CA GLY A 729 12.41 15.05 -30.37
C GLY A 729 13.89 15.09 -30.68
N GLU A 730 14.68 15.74 -29.83
CA GLU A 730 16.12 15.80 -30.04
C GLU A 730 16.74 14.40 -29.95
N ALA A 731 16.30 13.60 -28.98
CA ALA A 731 16.83 12.25 -28.84
C ALA A 731 16.48 11.39 -30.05
N THR A 732 15.27 11.55 -30.59
CA THR A 732 14.86 10.75 -31.73
C THR A 732 15.71 11.05 -32.96
N SER A 733 16.00 12.33 -33.21
CA SER A 733 16.78 12.69 -34.38
C SER A 733 18.25 12.32 -34.21
N CYS A 734 18.83 12.59 -33.04
CA CYS A 734 20.23 12.27 -32.82
C CYS A 734 20.46 10.76 -32.85
N LEU A 735 19.55 10.00 -32.26
CA LEU A 735 19.72 8.55 -32.20
C LEU A 735 19.43 7.89 -33.55
N ARG A 736 18.61 8.52 -34.40
CA ARG A 736 18.44 8.05 -35.76
C ARG A 736 19.66 8.37 -36.62
N ARG A 737 20.36 9.46 -36.31
CA ARG A 737 21.57 9.80 -37.05
C ARG A 737 22.68 8.78 -36.85
N ALA A 738 22.60 7.96 -35.79
CA ALA A 738 23.55 6.89 -35.56
C ALA A 738 23.16 5.61 -36.30
N SER A 739 22.32 5.71 -37.33
CA SER A 739 21.88 4.58 -38.14
C SER A 739 21.24 3.49 -37.28
N MET A 740 20.25 3.88 -36.49
CA MET A 740 19.49 2.96 -35.65
C MET A 740 18.01 3.14 -35.91
N ILE A 741 17.30 2.01 -36.05
CA ILE A 741 15.87 2.04 -36.33
C ILE A 741 15.13 2.52 -35.09
N VAL A 742 14.42 3.64 -35.21
CA VAL A 742 13.73 4.26 -34.09
C VAL A 742 12.26 4.45 -34.46
N LYS A 743 11.37 4.02 -33.57
CA LYS A 743 9.95 4.25 -33.74
C LYS A 743 9.59 5.65 -33.27
N THR A 744 8.79 6.35 -34.05
CA THR A 744 8.42 7.72 -33.71
C THR A 744 7.44 7.72 -32.53
N PRO A 745 7.78 8.35 -31.41
CA PRO A 745 6.85 8.36 -30.27
C PRO A 745 5.73 9.36 -30.46
N GLN A 746 4.55 9.02 -29.93
CA GLN A 746 3.40 9.90 -29.96
C GLN A 746 3.02 10.45 -28.59
N CYS A 747 3.51 9.84 -27.51
CA CYS A 747 3.18 10.27 -26.16
C CYS A 747 4.30 9.82 -25.22
N SER A 748 4.19 10.25 -23.97
CA SER A 748 5.10 9.87 -22.90
C SER A 748 6.52 10.37 -23.14
N ILE A 749 7.50 9.73 -22.49
CA ILE A 749 8.86 10.25 -22.44
C ILE A 749 9.86 9.19 -22.94
N ASN A 750 9.34 8.10 -23.49
CA ASN A 750 10.18 6.97 -23.87
C ASN A 750 10.31 6.87 -25.39
N VAL A 751 11.48 6.42 -25.82
CA VAL A 751 11.78 6.20 -27.23
C VAL A 751 12.37 4.81 -27.39
N PHE A 752 11.78 4.01 -28.29
CA PHE A 752 12.22 2.65 -28.52
C PHE A 752 13.10 2.59 -29.76
N ALA A 753 14.31 2.06 -29.60
CA ALA A 753 15.27 1.99 -30.69
C ALA A 753 15.90 0.60 -30.71
N GLN A 754 16.55 0.29 -31.83
CA GLN A 754 17.19 -1.01 -32.01
C GLN A 754 18.41 -0.85 -32.91
N ILE A 755 19.55 -1.33 -32.44
CA ILE A 755 20.76 -1.34 -33.27
C ILE A 755 20.59 -2.37 -34.38
N PRO A 756 20.91 -2.04 -35.64
CA PRO A 756 20.75 -3.02 -36.72
C PRO A 756 21.61 -4.26 -36.48
N GLY A 757 21.05 -5.42 -36.81
CA GLY A 757 21.72 -6.68 -36.61
C GLY A 757 21.57 -7.28 -35.22
N SER A 758 20.91 -6.58 -34.30
CA SER A 758 20.71 -7.09 -32.95
C SER A 758 19.50 -8.01 -32.90
N GLU A 759 19.67 -9.14 -32.20
CA GLU A 759 18.59 -10.10 -32.04
C GLU A 759 18.22 -10.37 -30.59
N ASP A 760 19.03 -9.94 -29.62
CA ASP A 760 18.74 -10.12 -28.21
C ASP A 760 18.77 -8.76 -27.52
N SER A 761 17.68 -8.42 -26.84
CA SER A 761 17.61 -7.12 -26.19
C SER A 761 18.46 -7.08 -24.92
N TYR A 762 18.46 -8.16 -24.15
CA TYR A 762 19.27 -8.19 -22.93
C TYR A 762 20.76 -8.20 -23.27
N LEU A 763 21.14 -8.90 -24.33
CA LEU A 763 22.54 -8.88 -24.76
C LEU A 763 22.97 -7.49 -25.19
N SER A 764 22.08 -6.76 -25.87
CA SER A 764 22.39 -5.39 -26.27
C SER A 764 22.61 -4.51 -25.05
N PHE A 765 21.81 -4.71 -24.00
CA PHE A 765 22.02 -3.96 -22.76
C PHE A 765 23.40 -4.24 -22.17
N ARG A 766 23.82 -5.51 -22.17
CA ARG A 766 25.13 -5.86 -21.66
C ARG A 766 26.24 -5.29 -22.54
N ASN A 767 26.06 -5.33 -23.86
CA ASN A 767 27.09 -4.85 -24.77
C ASN A 767 27.20 -3.33 -24.74
N VAL A 768 26.06 -2.64 -24.76
CA VAL A 768 26.08 -1.18 -24.76
C VAL A 768 26.65 -0.64 -23.46
N LEU A 769 26.28 -1.24 -22.33
CA LEU A 769 26.78 -0.80 -21.04
C LEU A 769 28.28 -1.06 -20.88
N ARG A 770 28.80 -2.14 -21.45
CA ARG A 770 30.22 -2.44 -21.37
C ARG A 770 31.06 -1.52 -22.25
N GLU A 771 30.62 -1.27 -23.48
CA GLU A 771 31.40 -0.46 -24.41
C GLU A 771 31.14 1.04 -24.19
N THR A 772 29.90 1.48 -24.39
CA THR A 772 29.59 2.90 -24.31
C THR A 772 29.52 3.39 -22.87
N GLY A 773 29.09 2.53 -21.95
CA GLY A 773 28.88 2.92 -20.57
C GLY A 773 27.50 3.45 -20.28
N VAL A 774 26.59 3.42 -21.25
CA VAL A 774 25.22 3.90 -21.09
C VAL A 774 24.30 2.70 -20.87
N SER A 775 23.42 2.82 -19.89
CA SER A 775 22.47 1.76 -19.55
C SER A 775 21.15 2.03 -20.27
N VAL A 776 20.62 1.00 -20.92
CA VAL A 776 19.35 1.08 -21.64
C VAL A 776 18.44 -0.02 -21.14
N TYR A 777 17.14 0.18 -21.34
CA TYR A 777 16.13 -0.74 -20.82
C TYR A 777 15.80 -1.77 -21.89
N PRO A 778 16.16 -3.04 -21.71
CA PRO A 778 15.92 -4.03 -22.75
C PRO A 778 14.44 -4.26 -23.00
N GLY A 779 14.12 -4.62 -24.25
CA GLY A 779 12.74 -4.86 -24.62
C GLY A 779 12.14 -6.11 -24.01
N ILE A 780 12.98 -7.08 -23.62
CA ILE A 780 12.47 -8.27 -22.96
C ILE A 780 11.76 -7.91 -21.66
N LEU A 781 12.22 -6.85 -20.99
CA LEU A 781 11.57 -6.37 -19.78
C LEU A 781 10.26 -5.66 -20.08
N SER A 782 9.95 -5.41 -21.36
CA SER A 782 8.65 -4.89 -21.77
C SER A 782 7.82 -5.95 -22.48
N PHE A 783 8.11 -7.22 -22.22
CA PHE A 783 7.43 -8.36 -22.84
C PHE A 783 7.63 -8.39 -24.36
N TYR A 784 8.76 -7.90 -24.83
CA TYR A 784 9.20 -8.12 -26.21
C TYR A 784 10.13 -9.33 -26.25
N LEU A 785 9.50 -10.52 -26.30
CA LEU A 785 10.26 -11.76 -26.21
C LEU A 785 11.20 -11.93 -27.40
N ALA A 786 10.89 -11.28 -28.51
CA ALA A 786 11.74 -11.31 -29.69
C ALA A 786 12.31 -9.92 -29.97
N GLY A 787 13.36 -9.89 -30.79
CA GLY A 787 13.99 -8.65 -31.18
C GLY A 787 15.09 -8.23 -30.22
N GLY A 788 15.78 -7.15 -30.61
CA GLY A 788 16.87 -6.64 -29.80
C GLY A 788 16.72 -5.17 -29.47
N GLY A 789 15.51 -4.64 -29.58
CA GLY A 789 15.28 -3.24 -29.28
C GLY A 789 15.31 -2.96 -27.79
N PHE A 790 15.58 -1.70 -27.46
CA PHE A 790 15.66 -1.28 -26.07
C PHE A 790 15.00 0.09 -25.92
N ARG A 791 14.62 0.40 -24.68
CA ARG A 791 13.95 1.66 -24.36
C ARG A 791 14.97 2.70 -23.90
N VAL A 792 14.86 3.91 -24.44
CA VAL A 792 15.70 5.03 -24.06
C VAL A 792 14.81 6.09 -23.45
N THR A 793 15.12 6.50 -22.22
CA THR A 793 14.35 7.51 -21.50
C THR A 793 14.95 8.89 -21.78
N THR A 794 14.16 9.75 -22.42
CA THR A 794 14.62 11.07 -22.83
C THR A 794 14.31 12.16 -21.81
N ALA A 795 13.64 11.84 -20.71
CA ALA A 795 13.27 12.83 -19.71
C ALA A 795 14.33 12.93 -18.61
N ARG A 796 15.57 13.14 -19.01
CA ARG A 796 16.69 13.30 -18.09
C ARG A 796 17.25 14.71 -18.21
N LYS A 797 18.25 15.00 -17.38
CA LYS A 797 18.96 16.27 -17.50
C LYS A 797 19.68 16.32 -18.85
N TRP A 798 19.73 17.52 -19.44
CA TRP A 798 20.32 17.67 -20.76
C TRP A 798 21.80 17.29 -20.74
N GLY A 799 22.50 17.59 -19.65
CA GLY A 799 23.90 17.21 -19.56
C GLY A 799 24.10 15.71 -19.61
N ASP A 800 23.25 14.96 -18.89
CA ASP A 800 23.35 13.51 -18.91
C ASP A 800 22.81 12.93 -20.21
N LEU A 801 21.70 13.49 -20.72
CA LEU A 801 21.10 12.97 -21.94
C LEU A 801 22.01 13.17 -23.15
N HIS A 802 22.65 14.33 -23.26
CA HIS A 802 23.53 14.60 -24.38
C HIS A 802 24.76 13.69 -24.36
N ARG A 803 25.36 13.52 -23.17
CA ARG A 803 26.52 12.64 -23.06
C ARG A 803 26.14 11.20 -23.38
N GLY A 804 24.99 10.74 -22.89
CA GLY A 804 24.56 9.39 -23.19
C GLY A 804 24.31 9.16 -24.67
N LEU A 805 23.72 10.15 -25.34
CA LEU A 805 23.49 10.04 -26.78
C LEU A 805 24.80 10.10 -27.55
N GLU A 806 25.77 10.89 -27.07
CA GLU A 806 27.04 11.02 -27.76
C GLU A 806 27.82 9.71 -27.77
N ARG A 807 27.86 9.01 -26.64
CA ARG A 807 28.55 7.73 -26.58
C ARG A 807 27.76 6.61 -27.22
N LEU A 808 26.44 6.75 -27.35
CA LEU A 808 25.66 5.77 -28.08
C LEU A 808 26.00 5.79 -29.57
N SER A 809 26.17 6.98 -30.13
CA SER A 809 26.54 7.09 -31.54
C SER A 809 27.98 6.63 -31.77
N ALA A 810 28.89 7.02 -30.87
CA ALA A 810 30.29 6.65 -31.04
C ALA A 810 30.48 5.14 -30.93
N GLY A 811 29.80 4.51 -29.99
CA GLY A 811 29.92 3.08 -29.79
C GLY A 811 29.24 2.28 -30.88
N PRO B 332 -13.60 -11.22 35.75
CA PRO B 332 -12.92 -11.99 34.71
C PRO B 332 -13.35 -11.58 33.30
N ASP B 333 -12.46 -11.76 32.33
CA ASP B 333 -12.78 -11.40 30.95
C ASP B 333 -13.80 -12.35 30.37
N THR B 334 -14.79 -11.80 29.69
CA THR B 334 -15.82 -12.58 29.00
C THR B 334 -15.66 -12.37 27.50
N PHE B 335 -15.50 -13.48 26.77
CA PHE B 335 -15.30 -13.43 25.33
C PHE B 335 -16.51 -13.91 24.56
N ILE B 336 -17.22 -14.93 25.05
CA ILE B 336 -18.40 -15.46 24.39
C ILE B 336 -19.30 -16.09 25.45
N ASP B 337 -20.61 -16.07 25.20
CA ASP B 337 -21.58 -16.63 26.12
C ASP B 337 -22.81 -17.07 25.33
N GLU B 338 -23.89 -17.39 26.04
CA GLU B 338 -25.12 -17.83 25.39
C GLU B 338 -25.80 -16.71 24.61
N ARG B 339 -25.55 -15.45 24.97
CA ARG B 339 -26.17 -14.34 24.25
C ARG B 339 -25.58 -14.20 22.85
N THR B 340 -24.29 -14.48 22.70
CA THR B 340 -23.66 -14.43 21.38
C THR B 340 -24.22 -15.51 20.45
N LEU B 341 -24.42 -16.71 20.99
CA LEU B 341 -24.91 -17.82 20.18
C LEU B 341 -26.34 -17.61 19.69
N GLU B 342 -27.10 -16.70 20.33
CA GLU B 342 -28.47 -16.46 19.92
C GLU B 342 -28.55 -15.89 18.51
N VAL B 343 -27.65 -14.96 18.19
CA VAL B 343 -27.66 -14.35 16.85
C VAL B 343 -27.34 -15.38 15.78
N PHE B 344 -26.33 -16.21 16.03
CA PHE B 344 -25.93 -17.21 15.04
C PHE B 344 -26.99 -18.28 14.86
N SER B 345 -27.80 -18.54 15.90
CA SER B 345 -28.79 -19.61 15.82
C SER B 345 -30.00 -19.23 14.99
N ARG B 346 -30.38 -17.95 14.96
CA ARG B 346 -31.56 -17.50 14.25
C ARG B 346 -31.27 -17.06 12.82
N ALA B 347 -30.02 -17.11 12.38
CA ALA B 347 -29.66 -16.63 11.05
C ALA B 347 -30.22 -17.55 9.97
N LEU B 348 -30.73 -16.94 8.90
CA LEU B 348 -31.15 -17.72 7.73
C LEU B 348 -29.96 -18.47 7.13
N ASN B 349 -28.88 -17.75 6.86
CA ASN B 349 -27.63 -18.35 6.39
C ASN B 349 -26.52 -17.99 7.36
N PRO B 350 -26.11 -18.89 8.26
CA PRO B 350 -25.06 -18.55 9.23
C PRO B 350 -23.72 -18.21 8.60
N THR B 351 -23.47 -18.65 7.37
CA THR B 351 -22.22 -18.31 6.70
C THR B 351 -22.22 -16.86 6.21
N ASN B 352 -23.38 -16.31 5.91
CA ASN B 352 -23.47 -14.96 5.37
C ASN B 352 -23.08 -13.93 6.44
N PRO B 353 -22.06 -13.10 6.21
CA PRO B 353 -21.73 -12.08 7.20
C PRO B 353 -22.73 -10.93 7.26
N MET B 354 -23.43 -10.65 6.16
CA MET B 354 -24.39 -9.55 6.16
C MET B 354 -25.64 -9.89 6.98
N GLU B 355 -26.11 -11.13 6.90
CA GLU B 355 -27.27 -11.53 7.70
C GLU B 355 -26.93 -11.51 9.19
N LEU B 356 -25.72 -11.94 9.55
CA LEU B 356 -25.31 -11.91 10.94
C LEU B 356 -25.21 -10.48 11.47
N ARG B 357 -24.68 -9.56 10.66
CA ARG B 357 -24.59 -8.17 11.07
C ARG B 357 -25.97 -7.55 11.25
N ASN B 358 -26.89 -7.85 10.34
CA ASN B 358 -28.24 -7.30 10.44
C ASN B 358 -28.95 -7.79 11.71
N LEU B 359 -28.80 -9.08 12.03
CA LEU B 359 -29.38 -9.60 13.26
C LEU B 359 -28.75 -8.96 14.50
N TRP B 360 -27.43 -8.80 14.49
CA TRP B 360 -26.75 -8.18 15.62
C TRP B 360 -27.19 -6.74 15.80
N LEU B 361 -27.28 -5.99 14.69
CA LEU B 361 -27.78 -4.62 14.75
C LEU B 361 -29.28 -4.60 15.03
N GLY B 362 -30.02 -5.59 14.55
CA GLY B 362 -31.45 -5.63 14.81
C GLY B 362 -31.78 -5.85 16.28
N ARG B 363 -31.02 -6.74 16.94
CA ARG B 363 -31.24 -6.96 18.37
C ARG B 363 -30.90 -5.71 19.18
N VAL B 364 -29.81 -5.03 18.83
CA VAL B 364 -29.42 -3.81 19.52
C VAL B 364 -30.49 -2.74 19.37
N GLU B 365 -31.00 -2.57 18.15
CA GLU B 365 -32.01 -1.57 17.87
C GLU B 365 -33.41 -2.00 18.31
N ALA B 366 -33.60 -3.27 18.66
CA ALA B 366 -34.87 -3.69 19.25
C ALA B 366 -35.00 -3.18 20.68
N GLU B 367 -33.89 -3.18 21.44
CA GLU B 367 -33.91 -2.64 22.78
C GLU B 367 -34.13 -1.13 22.77
N LEU B 368 -33.74 -0.45 21.69
CA LEU B 368 -34.00 0.97 21.52
C LEU B 368 -35.40 1.13 20.95
N GLY B 369 -36.39 1.07 21.84
CA GLY B 369 -37.79 1.15 21.45
C GLY B 369 -38.14 2.38 20.65
N ASP B 370 -38.06 3.55 21.29
CA ASP B 370 -38.36 4.81 20.63
C ASP B 370 -37.11 5.51 20.11
N ASN B 371 -35.93 4.92 20.29
CA ASN B 371 -34.67 5.54 19.88
C ASN B 371 -33.97 4.76 18.78
N ALA B 372 -34.67 3.87 18.10
CA ALA B 372 -34.06 3.07 17.03
C ALA B 372 -33.75 3.97 15.84
N LEU B 373 -32.49 3.96 15.41
CA LEU B 373 -32.09 4.79 14.27
C LEU B 373 -32.67 4.25 12.97
N ARG B 374 -32.56 2.94 12.75
CA ARG B 374 -33.07 2.30 11.54
C ARG B 374 -34.10 1.25 11.91
N PRO B 375 -35.40 1.56 11.83
CA PRO B 375 -36.42 0.58 12.25
C PRO B 375 -36.53 -0.62 11.33
N GLU B 376 -35.90 -0.59 10.15
CA GLU B 376 -35.94 -1.74 9.26
C GLU B 376 -35.27 -2.96 9.88
N TYR B 377 -34.12 -2.75 10.53
CA TYR B 377 -33.41 -3.85 11.15
C TYR B 377 -34.10 -4.32 12.43
N ALA B 378 -34.77 -3.42 13.14
CA ALA B 378 -35.46 -3.80 14.37
C ALA B 378 -36.57 -4.81 14.10
N ASP B 379 -37.33 -4.60 13.02
CA ASP B 379 -38.38 -5.54 12.66
C ASP B 379 -37.80 -6.86 12.15
N LEU B 380 -36.63 -6.80 11.51
CA LEU B 380 -36.01 -8.03 11.01
C LEU B 380 -35.65 -8.96 12.15
N TRP B 381 -35.13 -8.42 13.26
CA TRP B 381 -34.82 -9.25 14.41
C TRP B 381 -36.06 -9.83 15.06
N ARG B 382 -37.16 -9.06 15.09
CA ARG B 382 -38.39 -9.54 15.72
C ARG B 382 -38.93 -10.77 15.00
N ARG B 383 -38.88 -10.78 13.67
CA ARG B 383 -39.39 -11.90 12.89
C ARG B 383 -38.45 -13.10 12.88
N SER B 384 -37.22 -12.95 13.34
CA SER B 384 -36.27 -14.05 13.34
C SER B 384 -36.71 -15.14 14.31
N ARG B 385 -36.39 -16.39 13.96
CA ARG B 385 -36.77 -17.55 14.75
C ARG B 385 -35.57 -18.48 14.87
N VAL B 386 -35.45 -19.13 16.03
CA VAL B 386 -34.37 -20.08 16.26
C VAL B 386 -34.56 -21.30 15.36
N ARG B 387 -33.51 -21.67 14.64
CA ARG B 387 -33.61 -22.77 13.69
C ARG B 387 -32.40 -23.68 13.68
N ARG B 388 -31.47 -23.55 14.63
CA ARG B 388 -30.30 -24.42 14.70
C ARG B 388 -29.68 -24.29 16.07
N ALA B 389 -28.75 -25.20 16.36
CA ALA B 389 -27.98 -25.18 17.59
C ALA B 389 -26.54 -24.79 17.27
N VAL B 390 -26.02 -23.82 18.01
CA VAL B 390 -24.69 -23.27 17.78
C VAL B 390 -23.87 -23.43 19.05
N SER B 391 -22.66 -23.98 18.92
CA SER B 391 -21.75 -24.17 20.03
C SER B 391 -20.69 -23.08 20.02
N VAL B 392 -19.92 -23.02 21.11
CA VAL B 392 -18.87 -22.03 21.23
C VAL B 392 -17.76 -22.29 20.22
N GLU B 393 -17.40 -23.56 20.01
CA GLU B 393 -16.33 -23.89 19.08
C GLU B 393 -16.71 -23.54 17.64
N GLU B 394 -17.99 -23.64 17.28
CA GLU B 394 -18.41 -23.30 15.93
C GLU B 394 -18.20 -21.82 15.63
N VAL B 395 -18.51 -20.96 16.61
CA VAL B 395 -18.39 -19.52 16.39
C VAL B 395 -16.94 -19.12 16.17
N LEU B 396 -16.02 -19.68 16.96
CA LEU B 396 -14.62 -19.28 16.88
C LEU B 396 -13.88 -19.88 15.70
N ARG B 397 -14.45 -20.88 15.02
CA ARG B 397 -13.82 -21.50 13.86
C ARG B 397 -14.49 -21.11 12.55
N SER B 398 -15.37 -20.11 12.59
CA SER B 398 -16.13 -19.69 11.42
C SER B 398 -15.57 -18.37 10.88
N THR B 399 -15.40 -18.32 9.56
CA THR B 399 -14.97 -17.08 8.92
C THR B 399 -16.07 -16.03 8.91
N ALA B 400 -17.33 -16.44 9.13
CA ALA B 400 -18.42 -15.48 9.20
C ALA B 400 -18.35 -14.65 10.48
N THR B 401 -17.84 -15.24 11.57
CA THR B 401 -17.67 -14.48 12.81
C THR B 401 -16.70 -13.33 12.61
N VAL B 402 -15.59 -13.58 11.92
CA VAL B 402 -14.66 -12.50 11.57
C VAL B 402 -15.33 -11.53 10.61
N GLY B 403 -16.09 -12.06 9.63
CA GLY B 403 -16.79 -11.19 8.71
C GLY B 403 -17.87 -10.36 9.38
N MET B 404 -18.62 -10.96 10.30
CA MET B 404 -19.68 -10.23 10.99
C MET B 404 -19.10 -9.08 11.82
N VAL B 405 -17.99 -9.33 12.53
CA VAL B 405 -17.37 -8.28 13.31
C VAL B 405 -16.82 -7.18 12.40
N LYS B 406 -16.27 -7.57 11.25
CA LYS B 406 -15.74 -6.58 10.32
C LYS B 406 -16.86 -5.75 9.68
N GLU B 407 -18.02 -6.37 9.42
CA GLU B 407 -19.15 -5.60 8.93
C GLU B 407 -19.67 -4.64 9.99
N LEU B 408 -19.72 -5.08 11.25
CA LEU B 408 -20.03 -4.16 12.35
C LEU B 408 -18.97 -3.09 12.48
N PHE B 409 -17.72 -3.44 12.18
CA PHE B 409 -16.65 -2.43 12.15
C PHE B 409 -16.92 -1.39 11.06
N ASN B 410 -17.36 -1.84 9.89
CA ASN B 410 -17.67 -0.90 8.81
C ASN B 410 -18.92 -0.09 9.13
N ALA B 411 -19.95 -0.73 9.68
CA ALA B 411 -21.19 -0.03 10.00
C ALA B 411 -20.98 0.99 11.11
N PHE B 412 -20.03 0.74 12.02
CA PHE B 412 -19.79 1.68 13.11
C PHE B 412 -19.30 3.03 12.59
N PHE B 413 -18.38 3.03 11.63
CA PHE B 413 -17.75 4.26 11.19
C PHE B 413 -18.59 5.01 10.16
N ARG B 414 -18.82 4.39 8.99
CA ARG B 414 -19.45 5.11 7.90
C ARG B 414 -20.96 5.15 7.99
N ASP B 415 -21.57 4.32 8.84
CA ASP B 415 -23.03 4.28 8.92
C ASP B 415 -23.58 4.84 10.23
N ASP B 416 -22.82 4.77 11.33
CA ASP B 416 -23.33 5.20 12.62
C ASP B 416 -22.59 6.41 13.17
N LEU B 417 -21.26 6.35 13.30
CA LEU B 417 -20.54 7.44 13.96
C LEU B 417 -20.36 8.64 13.03
N TYR B 418 -19.94 8.39 11.80
CA TYR B 418 -19.72 9.44 10.82
C TYR B 418 -20.79 9.44 9.73
N GLY B 419 -21.88 8.71 9.93
CA GLY B 419 -22.97 8.67 8.96
C GLY B 419 -24.24 9.33 9.46
N ALA B 420 -25.20 8.51 9.90
CA ALA B 420 -26.49 9.04 10.31
C ALA B 420 -26.38 9.88 11.58
N LEU B 421 -25.64 9.39 12.57
CA LEU B 421 -25.52 10.08 13.85
C LEU B 421 -24.35 11.05 13.90
N SER B 422 -23.75 11.36 12.76
CA SER B 422 -22.65 12.32 12.72
C SER B 422 -23.11 13.68 13.22
N SER B 423 -22.32 14.28 14.11
CA SER B 423 -22.67 15.56 14.70
C SER B 423 -21.40 16.28 15.14
N LYS B 424 -21.43 17.61 15.03
CA LYS B 424 -20.29 18.42 15.45
C LYS B 424 -20.21 18.61 16.96
N ARG B 425 -21.28 18.28 17.69
CA ARG B 425 -21.29 18.39 19.14
C ARG B 425 -20.88 17.10 19.84
N ASN B 426 -20.53 16.06 19.08
CA ASN B 426 -20.12 14.79 19.66
C ASN B 426 -18.67 14.87 20.15
N ILE B 427 -18.40 14.21 21.27
CA ILE B 427 -17.05 14.08 21.80
C ILE B 427 -16.55 12.69 21.43
N ILE B 428 -15.50 12.63 20.63
CA ILE B 428 -15.01 11.37 20.07
C ILE B 428 -13.99 10.79 21.05
N LEU B 429 -14.40 9.76 21.78
CA LEU B 429 -13.49 9.00 22.65
C LEU B 429 -13.32 7.57 22.17
N SER B 430 -13.55 7.33 20.88
CA SER B 430 -13.49 5.99 20.30
C SER B 430 -12.49 5.89 19.15
N SER B 431 -11.71 6.94 18.89
CA SER B 431 -10.77 6.92 17.76
C SER B 431 -9.68 5.87 17.97
N GLY B 432 -9.19 5.74 19.20
CA GLY B 432 -8.11 4.82 19.48
C GLY B 432 -6.74 5.29 19.05
N ALA B 433 -6.63 6.55 18.64
CA ALA B 433 -5.37 7.11 18.15
C ALA B 433 -5.05 8.38 18.92
N VAL B 434 -3.75 8.72 18.96
CA VAL B 434 -3.32 9.93 19.65
C VAL B 434 -3.73 11.15 18.85
N ASP B 435 -4.15 12.20 19.55
CA ASP B 435 -4.57 13.44 18.91
C ASP B 435 -3.39 14.06 18.17
N GLU B 436 -3.46 14.07 16.83
CA GLU B 436 -2.37 14.61 16.04
C GLU B 436 -2.21 16.12 16.21
N ASP B 437 -3.32 16.83 16.43
CA ASP B 437 -3.26 18.27 16.55
C ASP B 437 -2.65 18.70 17.89
N GLU B 438 -2.80 17.86 18.92
CA GLU B 438 -2.27 18.20 20.24
C GLU B 438 -0.96 17.47 20.52
N TYR B 439 -0.89 16.18 20.22
CA TYR B 439 0.31 15.37 20.44
C TYR B 439 0.68 14.77 19.10
N GLY B 440 1.47 15.51 18.30
CA GLY B 440 1.78 15.14 16.95
C GLY B 440 3.22 14.70 16.78
N LEU B 441 3.66 14.68 15.52
CA LEU B 441 5.02 14.32 15.21
C LEU B 441 5.99 15.37 15.75
N PRO B 442 7.12 14.97 16.32
CA PRO B 442 8.09 15.95 16.82
C PRO B 442 8.64 16.81 15.69
N ALA B 443 9.00 18.05 16.05
CA ALA B 443 9.49 19.00 15.05
C ALA B 443 10.76 18.50 14.36
N ALA B 444 11.57 17.71 15.07
CA ALA B 444 12.77 17.15 14.44
C ALA B 444 12.40 16.20 13.31
N LEU B 445 11.37 15.37 13.51
CA LEU B 445 10.93 14.45 12.47
C LEU B 445 10.16 15.14 11.37
N LYS B 446 9.45 16.24 11.69
CA LYS B 446 8.78 17.01 10.66
C LYS B 446 9.76 17.78 9.80
N GLU B 447 10.94 18.10 10.35
CA GLU B 447 11.97 18.78 9.57
C GLU B 447 12.55 17.85 8.50
N THR B 448 12.62 16.55 8.77
CA THR B 448 13.14 15.61 7.79
C THR B 448 12.21 15.44 6.61
N LEU B 449 10.91 15.68 6.79
CA LEU B 449 9.99 15.61 5.66
C LEU B 449 10.10 16.84 4.77
N ARG B 450 10.36 18.01 5.37
CA ARG B 450 10.61 19.20 4.56
C ARG B 450 11.95 19.12 3.86
N PHE B 451 12.93 18.42 4.45
CA PHE B 451 14.22 18.24 3.81
C PHE B 451 14.10 17.34 2.58
N ALA B 452 13.29 16.28 2.67
CA ALA B 452 13.08 15.41 1.52
C ALA B 452 12.36 16.15 0.40
N LEU B 453 11.44 17.06 0.74
CA LEU B 453 10.77 17.86 -0.27
C LEU B 453 11.76 18.78 -1.00
N ALA B 454 12.68 19.39 -0.26
CA ALA B 454 13.63 20.31 -0.87
C ALA B 454 14.63 19.59 -1.76
N ARG B 455 15.00 18.36 -1.40
CA ARG B 455 15.98 17.58 -2.15
C ARG B 455 15.34 16.68 -3.20
N ASN B 456 14.03 16.80 -3.41
CA ASN B 456 13.30 15.99 -4.39
C ASN B 456 13.48 14.50 -4.13
N PHE B 457 13.47 14.12 -2.85
CA PHE B 457 13.70 12.74 -2.44
C PHE B 457 12.40 11.93 -2.49
N TYR B 458 11.81 11.89 -3.69
CA TYR B 458 10.58 11.13 -3.93
C TYR B 458 10.64 10.38 -5.25
N GLY B 459 11.78 9.74 -5.53
CA GLY B 459 11.93 8.91 -6.70
C GLY B 459 11.75 7.43 -6.39
N TYR B 460 11.91 6.61 -7.42
CA TYR B 460 11.85 5.16 -7.26
C TYR B 460 13.02 4.68 -6.40
N SER B 461 12.76 3.63 -5.63
CA SER B 461 13.76 3.10 -4.71
C SER B 461 13.61 1.59 -4.62
N ASP B 462 14.35 0.98 -3.69
CA ASP B 462 14.34 -0.45 -3.52
C ASP B 462 12.99 -0.94 -2.99
N SER B 463 12.68 -2.20 -3.32
CA SER B 463 11.40 -2.78 -2.89
C SER B 463 11.34 -2.99 -1.39
N LEU B 464 12.47 -3.28 -0.74
CA LEU B 464 12.52 -3.46 0.70
C LEU B 464 12.91 -2.18 1.44
N GLY B 465 13.20 -1.10 0.73
CA GLY B 465 13.58 0.14 1.36
C GLY B 465 15.04 0.48 1.09
N ARG B 466 15.38 1.74 1.33
CA ARG B 466 16.74 2.22 1.13
C ARG B 466 17.67 1.61 2.18
N GLN B 467 18.88 1.26 1.74
CA GLN B 467 19.80 0.51 2.60
C GLN B 467 20.20 1.25 3.87
N PRO B 468 20.62 2.53 3.83
CA PRO B 468 20.92 3.22 5.10
C PRO B 468 19.74 3.32 6.04
N ALA B 469 18.51 3.41 5.51
CA ALA B 469 17.34 3.44 6.38
C ALA B 469 17.16 2.11 7.11
N ARG B 470 17.40 1.00 6.42
CA ARG B 470 17.27 -0.31 7.06
C ARG B 470 18.39 -0.56 8.06
N GLU B 471 19.59 -0.05 7.77
CA GLU B 471 20.70 -0.21 8.70
C GLU B 471 20.43 0.51 10.01
N ALA B 472 19.87 1.72 9.95
CA ALA B 472 19.54 2.45 11.17
C ALA B 472 18.49 1.73 11.99
N VAL B 473 17.48 1.15 11.33
CA VAL B 473 16.43 0.43 12.04
C VAL B 473 17.00 -0.78 12.77
N ALA B 474 17.91 -1.51 12.11
CA ALA B 474 18.49 -2.70 12.72
C ALA B 474 19.29 -2.35 13.98
N ALA B 475 20.03 -1.24 13.94
CA ALA B 475 20.78 -0.81 15.11
C ALA B 475 19.84 -0.43 16.25
N MET B 476 18.72 0.21 15.93
CA MET B 476 17.74 0.58 16.96
C MET B 476 17.17 -0.64 17.65
N GLU B 477 16.83 -1.68 16.87
CA GLU B 477 16.20 -2.86 17.45
C GLU B 477 17.20 -3.72 18.22
N SER B 478 18.50 -3.56 17.96
CA SER B 478 19.49 -4.42 18.60
C SER B 478 19.75 -4.03 20.05
N VAL B 479 19.75 -2.73 20.34
CA VAL B 479 20.09 -2.28 21.69
C VAL B 479 19.02 -2.68 22.70
N SER B 480 17.79 -2.89 22.24
CA SER B 480 16.73 -3.31 23.14
C SER B 480 16.76 -4.80 23.45
N MET B 481 17.50 -5.59 22.66
CA MET B 481 17.56 -7.02 22.89
C MET B 481 18.42 -7.34 24.11
N GLN B 482 18.00 -8.35 24.87
CA GLN B 482 18.82 -8.82 25.98
C GLN B 482 20.14 -9.39 25.48
N GLN B 483 20.11 -10.14 24.38
CA GLN B 483 21.32 -10.66 23.77
C GLN B 483 21.07 -10.82 22.28
N GLY B 484 22.08 -10.50 21.49
CA GLY B 484 21.98 -10.56 20.04
C GLY B 484 21.85 -9.18 19.41
N HIS B 485 21.92 -9.17 18.09
CA HIS B 485 21.83 -7.93 17.31
C HIS B 485 21.06 -8.20 16.03
N TYR B 486 20.74 -7.13 15.31
CA TYR B 486 19.97 -7.21 14.07
C TYR B 486 20.80 -6.64 12.93
N GLU B 487 20.55 -7.15 11.73
CA GLU B 487 21.22 -6.70 10.52
C GLU B 487 20.20 -6.06 9.57
N ALA B 488 20.71 -5.28 8.62
CA ALA B 488 19.83 -4.62 7.65
C ALA B 488 19.13 -5.61 6.75
N ALA B 489 19.65 -6.83 6.62
CA ALA B 489 18.98 -7.86 5.83
C ALA B 489 17.72 -8.39 6.52
N SER B 490 17.50 -8.05 7.78
CA SER B 490 16.32 -8.48 8.52
C SER B 490 15.22 -7.43 8.55
N VAL B 491 15.41 -6.29 7.90
CA VAL B 491 14.48 -5.16 7.96
C VAL B 491 13.86 -4.96 6.58
N ALA B 492 12.54 -4.84 6.55
CA ALA B 492 11.81 -4.55 5.31
C ALA B 492 10.80 -3.45 5.61
N LEU B 493 11.03 -2.26 5.05
CA LEU B 493 10.12 -1.15 5.26
C LEU B 493 8.81 -1.39 4.52
N THR B 494 7.69 -1.06 5.18
CA THR B 494 6.36 -1.28 4.62
C THR B 494 5.51 -0.05 4.89
N MET B 495 4.31 -0.06 4.30
CA MET B 495 3.39 1.08 4.40
C MET B 495 2.33 0.82 5.48
N GLY B 496 2.80 0.76 6.72
CA GLY B 496 1.93 0.64 7.87
C GLY B 496 1.68 -0.80 8.27
N ALA B 497 1.15 -0.96 9.49
CA ALA B 497 0.95 -2.28 10.07
C ALA B 497 -0.22 -3.02 9.42
N THR B 498 -1.29 -2.30 9.09
CA THR B 498 -2.43 -2.95 8.43
C THR B 498 -2.03 -3.50 7.08
N HIS B 499 -1.26 -2.73 6.30
CA HIS B 499 -0.79 -3.21 5.01
C HIS B 499 0.28 -4.29 5.17
N THR B 500 1.10 -4.18 6.22
CA THR B 500 2.15 -5.18 6.44
C THR B 500 1.57 -6.56 6.70
N ILE B 501 0.62 -6.65 7.64
CA ILE B 501 0.03 -7.93 7.99
C ILE B 501 -0.78 -8.48 6.82
N SER B 502 -1.47 -7.60 6.09
CA SER B 502 -2.18 -8.03 4.90
C SER B 502 -1.22 -8.55 3.84
N SER B 503 -0.10 -7.86 3.64
CA SER B 503 0.91 -8.33 2.70
C SER B 503 1.53 -9.64 3.17
N LEU B 504 1.79 -9.76 4.47
CA LEU B 504 2.42 -10.97 5.00
C LEU B 504 1.51 -12.17 4.84
N ALA B 505 0.20 -12.00 5.09
CA ALA B 505 -0.72 -13.12 4.97
C ALA B 505 -0.79 -13.63 3.53
N ASP B 506 -0.82 -12.72 2.56
CA ASP B 506 -0.82 -13.14 1.16
C ASP B 506 0.50 -13.80 0.78
N PHE B 507 1.61 -13.27 1.29
CA PHE B 507 2.92 -13.84 0.99
C PHE B 507 3.09 -15.22 1.62
N ILE B 508 2.59 -15.39 2.85
CA ILE B 508 2.78 -16.65 3.56
C ILE B 508 1.95 -17.77 2.92
N PHE B 509 0.72 -17.46 2.51
CA PHE B 509 -0.23 -18.46 2.06
C PHE B 509 -0.26 -18.60 0.53
N ARG B 510 0.89 -18.43 -0.13
CA ARG B 510 0.96 -18.64 -1.57
C ARG B 510 0.81 -20.12 -1.90
N ASP B 511 1.73 -20.95 -1.39
CA ASP B 511 1.69 -22.38 -1.58
C ASP B 511 2.03 -23.10 -0.28
N ASN B 512 1.44 -22.63 0.83
CA ASN B 512 1.77 -23.17 2.14
C ASN B 512 1.19 -24.57 2.30
N PRO B 513 2.01 -25.60 2.54
CA PRO B 513 1.46 -26.96 2.63
C PRO B 513 0.62 -27.20 3.87
N TYR B 514 0.89 -26.49 4.97
CA TYR B 514 0.19 -26.76 6.21
C TYR B 514 -1.26 -26.27 6.13
N ALA B 515 -2.20 -27.18 6.33
CA ALA B 515 -3.61 -26.91 6.13
C ALA B 515 -4.37 -26.63 7.42
N ASP B 516 -3.68 -26.57 8.57
CA ASP B 516 -4.36 -26.24 9.81
C ASP B 516 -4.81 -24.79 9.79
N ALA B 517 -5.82 -24.50 10.61
CA ALA B 517 -6.37 -23.14 10.68
C ALA B 517 -5.36 -22.19 11.31
N ALA B 518 -5.26 -20.99 10.73
CA ALA B 518 -4.44 -19.95 11.33
C ALA B 518 -5.04 -19.50 12.65
N ILE B 519 -4.19 -19.16 13.60
CA ILE B 519 -4.62 -18.81 14.95
C ILE B 519 -4.48 -17.31 15.12
N CYS B 520 -5.58 -16.64 15.45
CA CYS B 520 -5.59 -15.21 15.75
C CYS B 520 -6.02 -15.04 17.21
N ALA B 521 -5.18 -14.39 17.99
CA ALA B 521 -5.49 -14.15 19.40
C ALA B 521 -6.41 -12.95 19.54
N ILE B 522 -7.49 -13.13 20.29
CA ILE B 522 -8.44 -12.05 20.54
C ILE B 522 -8.27 -11.59 21.99
N PRO B 523 -8.50 -10.30 22.30
CA PRO B 523 -8.95 -9.23 21.42
C PRO B 523 -7.91 -8.81 20.38
N ASN B 524 -8.38 -8.40 19.20
CA ASN B 524 -7.50 -8.05 18.09
C ASN B 524 -8.17 -6.96 17.26
N TYR B 525 -7.53 -6.63 16.14
CA TYR B 525 -8.02 -5.59 15.24
C TYR B 525 -8.75 -6.23 14.07
N PRO B 526 -10.03 -5.92 13.84
CA PRO B 526 -10.81 -6.62 12.81
C PRO B 526 -10.20 -6.52 11.42
N PRO B 527 -9.61 -5.38 11.02
CA PRO B 527 -8.94 -5.36 9.71
C PRO B 527 -7.81 -6.39 9.60
N LEU B 528 -7.06 -6.62 10.67
CA LEU B 528 -5.98 -7.60 10.63
C LEU B 528 -6.52 -9.03 10.57
N VAL B 529 -7.57 -9.32 11.34
CA VAL B 529 -8.11 -10.67 11.38
C VAL B 529 -8.82 -11.00 10.07
N GLN B 530 -9.56 -10.03 9.51
CA GLN B 530 -10.27 -10.27 8.26
C GLN B 530 -9.30 -10.53 7.12
N SER B 531 -8.16 -9.83 7.11
CA SER B 531 -7.18 -10.04 6.05
C SER B 531 -6.59 -11.45 6.10
N ILE B 532 -6.36 -11.97 7.30
CA ILE B 532 -5.87 -13.34 7.43
C ILE B 532 -6.97 -14.33 7.03
N ALA B 533 -8.21 -14.04 7.42
CA ALA B 533 -9.33 -14.89 7.02
C ALA B 533 -9.56 -14.89 5.52
N TRP B 534 -9.02 -13.89 4.81
CA TRP B 534 -9.10 -13.88 3.35
C TRP B 534 -8.36 -15.06 2.75
N ARG B 535 -7.19 -15.38 3.30
CA ARG B 535 -6.30 -16.38 2.70
C ARG B 535 -6.51 -17.77 3.26
N HIS B 536 -6.70 -17.90 4.57
CA HIS B 536 -6.77 -19.18 5.23
C HIS B 536 -7.87 -19.15 6.29
N PRO B 537 -8.47 -20.28 6.62
CA PRO B 537 -9.40 -20.33 7.74
C PRO B 537 -8.70 -19.98 9.05
N VAL B 538 -9.44 -19.32 9.94
CA VAL B 538 -8.89 -18.73 11.14
C VAL B 538 -9.59 -19.32 12.36
N LEU B 539 -8.80 -19.65 13.38
CA LEU B 539 -9.30 -20.05 14.69
C LEU B 539 -9.05 -18.91 15.67
N LEU B 540 -10.09 -18.54 16.41
CA LEU B 540 -10.01 -17.45 17.39
C LEU B 540 -9.77 -18.04 18.77
N VAL B 541 -8.66 -17.64 19.39
CA VAL B 541 -8.29 -18.15 20.71
C VAL B 541 -8.32 -17.00 21.70
N PRO B 542 -9.21 -17.03 22.69
CA PRO B 542 -9.23 -15.96 23.70
C PRO B 542 -7.92 -15.90 24.45
N THR B 543 -7.49 -14.67 24.75
CA THR B 543 -6.22 -14.41 25.43
C THR B 543 -6.52 -13.48 26.60
N PRO B 544 -7.01 -14.03 27.71
CA PRO B 544 -7.48 -13.18 28.80
C PRO B 544 -6.35 -12.49 29.53
N SER B 545 -6.70 -11.43 30.26
CA SER B 545 -5.76 -10.64 31.03
C SER B 545 -6.21 -10.59 32.49
N HIS B 546 -5.25 -10.66 33.39
CA HIS B 546 -5.51 -10.61 34.84
C HIS B 546 -4.53 -9.64 35.47
N GLY B 547 -5.04 -8.52 35.98
CA GLY B 547 -4.20 -7.54 36.63
C GLY B 547 -3.18 -6.90 35.71
N GLY B 548 -3.57 -6.61 34.48
CA GLY B 548 -2.68 -5.99 33.52
C GLY B 548 -1.67 -6.93 32.89
N THR B 549 -1.75 -8.23 33.17
CA THR B 549 -0.83 -9.21 32.62
C THR B 549 -1.59 -10.10 31.64
N THR B 550 -1.12 -10.13 30.40
CA THR B 550 -1.76 -10.96 29.37
C THR B 550 -1.33 -12.41 29.53
N SER B 551 -2.29 -13.32 29.53
CA SER B 551 -2.06 -14.73 29.77
C SER B 551 -2.09 -15.49 28.44
N LEU B 552 -0.99 -16.18 28.12
CA LEU B 552 -0.87 -16.96 26.89
C LEU B 552 -1.06 -18.45 27.14
N GLN B 553 -1.61 -18.83 28.30
CA GLN B 553 -1.77 -20.25 28.61
C GLN B 553 -2.73 -20.92 27.63
N ALA B 554 -3.84 -20.27 27.31
CA ALA B 554 -4.77 -20.83 26.33
C ALA B 554 -4.20 -20.81 24.92
N LEU B 555 -3.43 -19.76 24.60
CA LEU B 555 -2.83 -19.67 23.27
C LEU B 555 -1.81 -20.78 23.05
N SER B 556 -1.03 -21.11 24.07
CA SER B 556 0.00 -22.14 23.93
C SER B 556 -0.61 -23.51 23.64
N ARG B 557 -1.73 -23.82 24.29
CA ARG B 557 -2.36 -25.12 24.07
C ARG B 557 -2.96 -25.24 22.69
N ALA B 558 -3.48 -24.14 22.12
CA ALA B 558 -4.14 -24.21 20.83
C ALA B 558 -3.13 -24.35 19.69
N VAL B 559 -1.89 -23.90 19.89
CA VAL B 559 -0.90 -23.94 18.83
C VAL B 559 -0.47 -25.38 18.58
N THR B 560 -0.52 -25.80 17.31
CA THR B 560 -0.15 -27.13 16.88
C THR B 560 1.11 -27.08 16.02
N PRO B 561 1.82 -28.20 15.88
CA PRO B 561 3.01 -28.21 15.02
C PRO B 561 2.71 -27.87 13.56
N ASN B 562 1.47 -28.06 13.10
CA ASN B 562 1.09 -27.77 11.73
C ASN B 562 0.41 -26.41 11.58
N THR B 563 0.45 -25.58 12.62
CA THR B 563 -0.16 -24.26 12.54
C THR B 563 0.63 -23.38 11.58
N PRO B 564 -0.01 -22.80 10.56
CA PRO B 564 0.73 -21.97 9.59
C PRO B 564 1.26 -20.68 10.18
N MET B 565 0.39 -19.92 10.84
CA MET B 565 0.76 -18.61 11.37
C MET B 565 -0.04 -18.32 12.63
N VAL B 566 0.51 -17.43 13.46
CA VAL B 566 -0.13 -16.96 14.68
C VAL B 566 0.01 -15.45 14.73
N LEU B 567 -1.11 -14.76 14.92
CA LEU B 567 -1.11 -13.31 15.08
C LEU B 567 -1.38 -13.00 16.55
N LEU B 568 -0.44 -12.29 17.18
CA LEU B 568 -0.52 -12.01 18.61
C LEU B 568 -0.01 -10.60 18.87
N GLN B 569 -0.70 -9.89 19.77
CA GLN B 569 -0.28 -8.58 20.21
C GLN B 569 0.54 -8.69 21.47
N THR B 570 1.71 -8.04 21.49
CA THR B 570 2.49 -7.97 22.72
C THR B 570 1.85 -7.01 23.71
N GLY B 571 1.44 -5.83 23.23
CA GLY B 571 0.63 -4.92 24.02
C GLY B 571 -0.81 -5.05 23.62
N THR B 572 -1.66 -5.50 24.55
CA THR B 572 -3.02 -5.90 24.20
C THR B 572 -3.95 -4.69 24.16
N ASN B 573 -4.77 -4.65 23.10
CA ASN B 573 -5.81 -3.67 22.89
C ASN B 573 -7.17 -4.36 22.94
N PRO B 574 -8.18 -3.74 23.56
CA PRO B 574 -8.27 -2.40 24.16
C PRO B 574 -7.94 -2.31 25.65
N CYS B 575 -7.80 -3.45 26.32
CA CYS B 575 -7.64 -3.45 27.77
C CYS B 575 -6.34 -2.81 28.23
N GLY B 576 -5.33 -2.75 27.38
CA GLY B 576 -4.06 -2.17 27.76
C GLY B 576 -3.15 -3.10 28.53
N SER B 577 -3.45 -4.39 28.56
CA SER B 577 -2.61 -5.35 29.26
C SER B 577 -1.36 -5.65 28.45
N LEU B 578 -0.40 -6.30 29.11
CA LEU B 578 0.92 -6.54 28.52
C LEU B 578 1.33 -7.99 28.74
N VAL B 579 2.02 -8.55 27.76
CA VAL B 579 2.50 -9.93 27.83
C VAL B 579 3.79 -9.97 28.64
N ASP B 580 3.87 -10.93 29.56
CA ASP B 580 5.11 -11.13 30.30
C ASP B 580 6.19 -11.68 29.38
N GLU B 581 7.42 -11.19 29.56
CA GLU B 581 8.52 -11.58 28.67
C GLU B 581 8.86 -13.06 28.83
N LEU B 582 8.86 -13.57 30.07
CA LEU B 582 9.15 -14.99 30.27
C LEU B 582 8.07 -15.87 29.68
N GLU B 583 6.80 -15.49 29.85
CA GLU B 583 5.71 -16.27 29.25
C GLU B 583 5.78 -16.22 27.73
N LEU B 584 6.10 -15.06 27.16
CA LEU B 584 6.25 -14.96 25.71
C LEU B 584 7.43 -15.79 25.23
N GLU B 585 8.53 -15.77 25.97
CA GLU B 585 9.71 -16.56 25.59
C GLU B 585 9.40 -18.05 25.63
N ARG B 586 8.68 -18.51 26.66
CA ARG B 586 8.33 -19.92 26.73
C ARG B 586 7.38 -20.32 25.62
N PHE B 587 6.41 -19.46 25.29
CA PHE B 587 5.47 -19.76 24.22
C PHE B 587 6.18 -19.80 22.86
N ILE B 588 7.10 -18.87 22.62
CA ILE B 588 7.80 -18.82 21.34
C ILE B 588 8.68 -20.05 21.17
N GLN B 589 9.43 -20.42 22.21
CA GLN B 589 10.33 -21.55 22.14
C GLN B 589 9.63 -22.90 22.09
N SER B 590 8.31 -22.93 22.35
CA SER B 590 7.54 -24.15 22.34
C SER B 590 6.81 -24.39 21.02
N THR B 591 7.19 -23.65 19.98
CA THR B 591 6.56 -23.78 18.67
C THR B 591 7.58 -24.29 17.65
N SER B 592 7.10 -25.05 16.68
CA SER B 592 7.95 -25.55 15.61
C SER B 592 8.36 -24.41 14.69
N LEU B 593 9.49 -24.61 14.00
CA LEU B 593 10.01 -23.58 13.10
C LEU B 593 9.09 -23.33 11.90
N SER B 594 8.15 -24.24 11.63
CA SER B 594 7.21 -24.05 10.53
C SER B 594 6.04 -23.15 10.90
N THR B 595 5.90 -22.77 12.16
CA THR B 595 4.82 -21.91 12.62
C THR B 595 5.35 -20.48 12.71
N LEU B 596 4.99 -19.65 11.73
CA LEU B 596 5.40 -18.25 11.75
C LEU B 596 4.58 -17.49 12.78
N ILE B 597 5.26 -16.72 13.63
CA ILE B 597 4.62 -15.96 14.70
C ILE B 597 4.71 -14.49 14.35
N ILE B 598 3.57 -13.86 14.14
CA ILE B 598 3.49 -12.43 13.86
C ILE B 598 3.22 -11.70 15.17
N LEU B 599 4.16 -10.87 15.61
CA LEU B 599 4.05 -10.12 16.84
C LEU B 599 3.66 -8.68 16.51
N ASP B 600 2.41 -8.32 16.83
CA ASP B 600 1.95 -6.95 16.63
C ASP B 600 2.38 -6.12 17.83
N GLU B 601 3.35 -5.24 17.63
CA GLU B 601 3.97 -4.46 18.70
C GLU B 601 3.62 -2.98 18.60
N CYS B 602 2.47 -2.65 18.03
CA CYS B 602 2.08 -1.26 17.87
C CYS B 602 1.60 -0.63 19.16
N HIS B 603 1.24 -1.43 20.16
CA HIS B 603 0.76 -0.91 21.45
C HIS B 603 1.74 -1.16 22.58
N GLU B 604 2.92 -1.69 22.29
CA GLU B 604 3.92 -1.98 23.32
C GLU B 604 4.75 -0.72 23.59
N TRP B 605 4.10 0.25 24.22
CA TRP B 605 4.75 1.51 24.57
C TRP B 605 3.97 2.18 25.69
N LEU B 606 4.55 3.25 26.23
CA LEU B 606 3.96 4.04 27.31
C LEU B 606 3.76 3.18 28.57
N GLY B 607 4.86 2.59 29.03
CA GLY B 607 4.84 1.82 30.25
C GLY B 607 5.37 0.41 30.09
N ALA B 608 5.64 0.01 28.86
CA ALA B 608 6.12 -1.34 28.58
C ALA B 608 7.62 -1.43 28.84
N PRO B 609 8.08 -2.40 29.62
CA PRO B 609 9.52 -2.63 29.81
C PRO B 609 10.14 -3.35 28.61
N ARG B 610 10.52 -2.55 27.61
CA ARG B 610 10.96 -3.10 26.32
C ARG B 610 12.34 -3.72 26.42
N HIS B 611 12.44 -4.85 27.13
CA HIS B 611 13.67 -5.63 27.25
C HIS B 611 13.37 -7.00 26.66
N PHE B 612 13.59 -7.14 25.35
CA PHE B 612 13.15 -8.32 24.62
C PHE B 612 14.15 -9.46 24.75
N SER B 613 13.62 -10.66 24.94
CA SER B 613 14.42 -11.86 25.06
C SER B 613 14.96 -12.29 23.69
N PRO B 614 16.02 -13.09 23.67
CA PRO B 614 16.53 -13.58 22.37
C PRO B 614 15.54 -14.44 21.61
N ALA B 615 14.51 -14.98 22.28
CA ALA B 615 13.50 -15.76 21.59
C ALA B 615 12.72 -14.93 20.57
N ARG B 616 12.69 -13.61 20.75
CA ARG B 616 12.03 -12.74 19.77
C ARG B 616 12.77 -12.66 18.45
N GLN B 617 14.02 -13.14 18.39
CA GLN B 617 14.80 -13.17 17.17
C GLN B 617 14.83 -14.54 16.52
N ARG B 618 13.91 -15.42 16.91
CA ARG B 618 13.86 -16.76 16.35
C ARG B 618 13.51 -16.71 14.87
N ALA B 619 13.88 -17.77 14.16
CA ALA B 619 13.72 -17.79 12.70
C ALA B 619 12.26 -17.71 12.28
N ASN B 620 11.34 -18.20 13.13
CA ASN B 620 9.93 -18.23 12.79
C ASN B 620 9.14 -17.07 13.39
N VAL B 621 9.83 -16.06 13.94
CA VAL B 621 9.19 -14.92 14.59
C VAL B 621 9.30 -13.72 13.67
N ILE B 622 8.16 -13.06 13.42
CA ILE B 622 8.11 -11.83 12.64
C ILE B 622 7.55 -10.73 13.53
N ARG B 623 8.34 -9.68 13.74
CA ARG B 623 7.96 -8.58 14.60
C ARG B 623 7.51 -7.40 13.74
N VAL B 624 6.24 -7.01 13.89
CA VAL B 624 5.64 -5.97 13.08
C VAL B 624 5.37 -4.75 13.97
N SER B 625 5.79 -3.58 13.49
CA SER B 625 5.58 -2.33 14.21
C SER B 625 5.11 -1.27 13.23
N SER B 626 4.74 -0.11 13.76
CA SER B 626 4.25 0.98 12.93
C SER B 626 4.43 2.29 13.69
N LEU B 627 4.38 3.39 12.95
CA LEU B 627 4.52 4.73 13.50
C LEU B 627 3.18 5.39 13.78
N SER B 628 2.07 4.69 13.56
CA SER B 628 0.74 5.28 13.64
C SER B 628 0.31 5.66 15.06
N ASN B 630 2.64 5.12 18.26
CA ASN B 630 3.75 5.61 19.07
C ASN B 630 4.21 7.01 18.65
N TRP B 631 4.17 7.28 17.34
CA TRP B 631 4.54 8.59 16.83
C TRP B 631 3.36 9.36 16.26
N SER B 632 2.16 8.78 16.29
CA SER B 632 0.91 9.46 15.93
C SER B 632 0.96 10.03 14.51
N VAL B 633 1.36 9.18 13.57
CA VAL B 633 1.30 9.52 12.15
C VAL B 633 0.63 8.39 11.36
N PRO B 634 -0.66 8.12 11.60
CA PRO B 634 -1.34 7.09 10.80
C PRO B 634 -1.45 7.45 9.33
N GLY B 635 -1.56 8.72 8.99
CA GLY B 635 -1.72 9.13 7.61
C GLY B 635 -0.46 9.12 6.78
N LEU B 636 0.69 8.86 7.40
CA LEU B 636 1.94 8.76 6.67
C LEU B 636 2.19 7.36 6.13
N LYS B 637 1.58 6.33 6.72
CA LYS B 637 1.72 4.94 6.28
C LYS B 637 3.19 4.51 6.27
N VAL B 638 3.78 4.53 7.46
CA VAL B 638 5.19 4.22 7.64
C VAL B 638 5.32 3.08 8.65
N GLY B 639 6.12 2.08 8.30
CA GLY B 639 6.34 0.97 9.20
C GLY B 639 7.40 0.03 8.65
N TRP B 640 7.59 -1.07 9.36
CA TRP B 640 8.56 -2.09 8.96
C TRP B 640 8.26 -3.36 9.75
N PHE B 641 8.95 -4.44 9.39
CA PHE B 641 8.88 -5.67 10.15
C PHE B 641 10.26 -6.32 10.19
N LEU B 642 10.48 -7.13 11.20
CA LEU B 642 11.73 -7.84 11.41
C LEU B 642 11.49 -9.34 11.26
N ALA B 643 12.28 -9.99 10.40
CA ALA B 643 12.16 -11.42 10.17
C ALA B 643 13.55 -11.98 9.89
N ASP B 644 13.60 -13.27 9.58
CA ASP B 644 14.86 -13.89 9.21
C ASP B 644 15.35 -13.33 7.87
N PRO B 645 16.67 -13.23 7.70
CA PRO B 645 17.18 -12.70 6.42
C PRO B 645 16.75 -13.50 5.20
N ALA B 646 16.55 -14.81 5.36
CA ALA B 646 16.07 -15.62 4.24
C ALA B 646 14.63 -15.29 3.89
N LEU B 647 13.81 -14.95 4.90
CA LEU B 647 12.42 -14.62 4.64
C LEU B 647 12.30 -13.23 4.01
N VAL B 648 13.14 -12.29 4.42
CA VAL B 648 13.10 -10.94 3.85
C VAL B 648 13.52 -10.97 2.39
N SER B 649 14.48 -11.84 2.04
CA SER B 649 14.92 -11.96 0.65
C SER B 649 13.77 -12.43 -0.25
N ARG B 650 13.00 -13.41 0.22
CA ARG B 650 11.84 -13.86 -0.55
C ARG B 650 10.76 -12.78 -0.64
N TYR B 651 10.61 -11.98 0.41
CA TYR B 651 9.61 -10.93 0.41
C TYR B 651 9.94 -9.80 -0.57
N TYR B 652 11.18 -9.72 -1.05
CA TYR B 652 11.54 -8.69 -2.01
C TYR B 652 10.74 -8.84 -3.30
N GLU B 653 10.57 -10.07 -3.78
CA GLU B 653 9.82 -10.29 -5.02
C GLU B 653 8.34 -9.96 -4.82
N PHE B 654 7.80 -10.26 -3.64
CA PHE B 654 6.39 -9.95 -3.38
C PHE B 654 6.17 -8.43 -3.35
N ALA B 655 7.03 -7.71 -2.63
CA ALA B 655 6.86 -6.27 -2.50
C ALA B 655 7.00 -5.55 -3.84
N SER B 656 7.90 -6.02 -4.70
CA SER B 656 8.07 -5.40 -6.01
C SER B 656 6.81 -5.55 -6.86
N THR B 657 6.16 -6.70 -6.79
CA THR B 657 4.95 -6.92 -7.60
C THR B 657 3.72 -6.29 -6.96
N SER B 658 3.58 -6.41 -5.63
CA SER B 658 2.36 -5.96 -4.97
C SER B 658 2.23 -4.45 -5.00
N TYR B 659 3.28 -3.72 -4.63
CA TYR B 659 3.23 -2.27 -4.60
C TYR B 659 4.48 -1.59 -5.12
N GLY B 660 5.52 -2.33 -5.50
CA GLY B 660 6.73 -1.78 -6.04
C GLY B 660 7.77 -1.38 -5.00
N GLY B 661 7.33 -0.94 -3.83
CA GLY B 661 8.24 -0.55 -2.77
C GLY B 661 7.61 0.44 -1.81
N PRO B 662 8.29 0.72 -0.71
CA PRO B 662 7.74 1.65 0.28
C PRO B 662 7.88 3.10 -0.15
N GLN B 663 7.48 3.99 0.75
CA GLN B 663 7.54 5.43 0.51
C GLN B 663 8.99 5.88 0.55
N SER B 664 9.51 6.38 -0.56
CA SER B 664 10.85 6.95 -0.55
C SER B 664 10.85 8.34 0.07
N PHE B 665 9.69 8.99 0.15
CA PHE B 665 9.61 10.33 0.71
C PHE B 665 9.96 10.36 2.20
N VAL B 666 9.76 9.26 2.91
CA VAL B 666 9.95 9.21 4.35
C VAL B 666 11.23 8.48 4.75
N TYR B 667 12.14 8.25 3.79
CA TYR B 667 13.37 7.53 4.12
C TYR B 667 14.22 8.31 5.11
N THR B 668 14.31 9.63 4.93
CA THR B 668 15.08 10.45 5.86
C THR B 668 14.47 10.43 7.26
N LEU B 669 13.13 10.47 7.34
CA LEU B 669 12.46 10.41 8.63
C LEU B 669 12.75 9.11 9.36
N VAL B 670 12.71 7.98 8.63
CA VAL B 670 12.95 6.69 9.26
C VAL B 670 14.38 6.60 9.78
N GLU B 671 15.35 7.06 8.98
CA GLU B 671 16.75 6.99 9.38
C GLU B 671 17.02 7.87 10.60
N VAL B 672 16.45 9.08 10.62
CA VAL B 672 16.66 9.96 11.76
C VAL B 672 15.95 9.42 13.00
N LEU B 673 14.74 8.89 12.81
CA LEU B 673 13.99 8.33 13.94
C LEU B 673 14.74 7.15 14.56
N ALA B 674 15.28 6.27 13.73
CA ALA B 674 15.93 5.07 14.24
C ALA B 674 17.22 5.40 14.98
N ARG B 675 17.98 6.38 14.48
CA ARG B 675 19.23 6.73 15.13
C ARG B 675 19.00 7.54 16.40
N PHE B 676 17.99 8.41 16.41
CA PHE B 676 17.66 9.17 17.61
C PHE B 676 17.17 8.25 18.73
N GLU B 677 16.33 7.27 18.39
CA GLU B 677 15.81 6.36 19.40
C GLU B 677 16.92 5.46 19.96
N ARG B 678 17.85 5.04 19.10
CA ARG B 678 18.95 4.19 19.55
C ARG B 678 19.84 4.92 20.54
N TRP B 679 20.11 6.20 20.30
CA TRP B 679 20.91 6.98 21.23
C TRP B 679 20.23 7.15 22.57
N ILE B 680 18.90 7.29 22.56
CA ILE B 680 18.16 7.45 23.81
C ILE B 680 18.26 6.19 24.66
N ILE B 681 18.15 5.02 24.04
CA ILE B 681 18.23 3.76 24.78
C ILE B 681 19.60 3.61 25.42
N GLU B 682 20.66 4.01 24.70
CA GLU B 682 22.01 3.97 25.25
C GLU B 682 22.24 5.03 26.32
N GLY B 683 21.30 5.94 26.53
CA GLY B 683 21.45 6.96 27.55
C GLY B 683 22.27 8.17 27.14
N ARG B 684 22.48 8.36 25.85
CA ARG B 684 23.26 9.50 25.38
C ARG B 684 22.49 10.80 25.60
N THR B 685 23.20 11.82 26.09
CA THR B 685 22.63 13.14 26.28
C THR B 685 23.21 14.18 25.33
N SER B 686 24.47 14.04 24.95
CA SER B 686 25.13 14.94 24.02
C SER B 686 25.63 14.16 22.82
N ILE B 687 25.85 14.86 21.71
CA ILE B 687 26.23 14.26 20.45
C ILE B 687 27.63 14.72 20.09
N ASP B 688 28.56 13.78 19.98
CA ASP B 688 29.92 14.06 19.57
C ASP B 688 30.08 13.79 18.07
N GLN B 689 31.32 13.83 17.58
CA GLN B 689 31.58 13.57 16.18
C GLN B 689 31.34 12.11 15.79
N GLN B 690 31.41 11.19 16.76
CA GLN B 690 31.20 9.78 16.47
C GLN B 690 29.77 9.53 16.00
N GLN B 691 28.79 10.17 16.64
CA GLN B 691 27.40 9.97 16.26
C GLN B 691 27.04 10.69 14.96
N LEU B 692 27.64 11.86 14.72
CA LEU B 692 27.38 12.58 13.48
C LEU B 692 27.92 11.83 12.27
N ARG B 693 29.03 11.09 12.45
CA ARG B 693 29.60 10.34 11.34
C ARG B 693 28.71 9.20 10.88
N GLU B 694 27.71 8.82 11.68
CA GLU B 694 26.78 7.77 11.26
C GLU B 694 25.95 8.20 10.06
N PHE B 695 25.55 9.47 10.01
CA PHE B 695 24.86 10.00 8.85
C PHE B 695 25.83 10.28 7.72
N SER B 696 25.31 10.32 6.50
CA SER B 696 26.12 10.59 5.34
C SER B 696 26.45 12.06 5.24
N ALA B 697 27.49 12.37 4.46
CA ALA B 697 27.91 13.76 4.25
C ALA B 697 27.01 14.51 3.29
N SER B 698 26.16 13.81 2.53
CA SER B 698 25.25 14.48 1.60
C SER B 698 24.18 15.28 2.33
N TYR B 699 23.88 14.94 3.58
CA TYR B 699 22.88 15.69 4.35
C TYR B 699 23.38 17.07 4.75
N GLY B 700 24.70 17.26 4.84
CA GLY B 700 25.25 18.52 5.30
C GLY B 700 24.97 18.82 6.76
N LEU B 701 25.05 17.81 7.62
CA LEU B 701 24.77 17.99 9.03
C LEU B 701 25.93 18.65 9.74
N GLN B 702 25.60 19.52 10.70
CA GLN B 702 26.59 20.21 11.52
C GLN B 702 26.51 19.70 12.94
N LEU B 703 27.64 19.79 13.65
CA LEU B 703 27.70 19.29 15.02
C LEU B 703 26.79 20.09 15.94
N GLY B 704 26.79 21.42 15.79
CA GLY B 704 25.95 22.25 16.65
C GLY B 704 24.47 22.05 16.41
N SER B 705 24.06 21.93 15.14
CA SER B 705 22.65 21.80 14.82
C SER B 705 22.12 20.42 15.17
N LEU B 706 22.91 19.37 14.91
CA LEU B 706 22.46 18.01 15.20
C LEU B 706 22.33 17.78 16.70
N SER B 707 23.27 18.30 17.49
CA SER B 707 23.22 18.12 18.94
C SER B 707 22.00 18.81 19.54
N GLN B 708 21.72 20.04 19.11
CA GLN B 708 20.55 20.75 19.61
C GLN B 708 19.26 20.07 19.18
N THR B 709 19.21 19.56 17.94
CA THR B 709 18.01 18.88 17.46
C THR B 709 17.73 17.63 18.26
N TYR B 710 18.76 16.83 18.57
CA TYR B 710 18.56 15.60 19.32
C TYR B 710 18.13 15.88 20.75
N GLU B 711 18.73 16.89 21.39
CA GLU B 711 18.38 17.20 22.77
C GLU B 711 16.94 17.68 22.88
N HIS B 712 16.49 18.51 21.93
CA HIS B 712 15.10 18.96 21.94
C HIS B 712 14.16 17.81 21.60
N TYR B 713 14.59 16.88 20.76
CA TYR B 713 13.78 15.71 20.45
C TYR B 713 13.58 14.85 21.69
N VAL B 714 14.62 14.68 22.50
CA VAL B 714 14.51 13.90 23.72
C VAL B 714 13.52 14.54 24.68
N ALA B 715 13.62 15.86 24.86
CA ALA B 715 12.70 16.56 25.75
C ALA B 715 11.27 16.46 25.26
N GLU B 716 11.05 16.58 23.95
CA GLU B 716 9.70 16.50 23.40
C GLU B 716 9.12 15.10 23.56
N ARG B 717 9.94 14.07 23.37
CA ARG B 717 9.45 12.70 23.53
C ARG B 717 9.18 12.38 25.00
N ARG B 718 10.03 12.85 25.90
CA ARG B 718 9.81 12.59 27.33
C ARG B 718 8.60 13.37 27.83
N ALA B 719 8.41 14.60 27.36
CA ALA B 719 7.25 15.38 27.76
C ALA B 719 5.95 14.71 27.30
N ARG B 720 5.94 14.19 26.07
CA ARG B 720 4.76 13.52 25.55
C ARG B 720 4.42 12.29 26.37
N GLU B 721 5.44 11.54 26.80
CA GLU B 721 5.21 10.34 27.58
C GLU B 721 4.57 10.66 28.93
N GLN B 722 4.98 11.76 29.57
CA GLN B 722 4.47 12.10 30.89
C GLN B 722 3.03 12.60 30.81
N VAL B 723 2.70 13.41 29.81
CA VAL B 723 1.34 13.92 29.68
C VAL B 723 0.37 12.80 29.34
N LEU B 724 0.77 11.89 28.44
CA LEU B 724 -0.11 10.78 28.08
C LEU B 724 -0.31 9.83 29.26
N LEU B 725 0.72 9.64 30.07
CA LEU B 725 0.57 8.82 31.28
C LEU B 725 -0.37 9.48 32.28
N GLY B 726 -0.27 10.80 32.43
CA GLY B 726 -1.15 11.49 33.35
C GLY B 726 -2.60 11.45 32.91
N LEU B 727 -2.85 11.61 31.61
CA LEU B 727 -4.22 11.55 31.10
C LEU B 727 -4.81 10.16 31.27
N ARG B 728 -4.01 9.12 31.03
CA ARG B 728 -4.49 7.75 31.21
C ARG B 728 -4.82 7.46 32.67
N GLY B 729 -3.96 7.91 33.59
CA GLY B 729 -4.24 7.71 35.00
C GLY B 729 -5.41 8.53 35.49
N GLU B 730 -5.53 9.77 35.02
CA GLU B 730 -6.65 10.62 35.41
C GLU B 730 -7.98 10.04 34.92
N ALA B 731 -8.01 9.55 33.68
CA ALA B 731 -9.23 8.96 33.15
C ALA B 731 -9.62 7.70 33.92
N THR B 732 -8.64 6.90 34.32
CA THR B 732 -8.93 5.68 35.07
C THR B 732 -9.59 6.00 36.41
N SER B 733 -9.08 7.01 37.11
CA SER B 733 -9.64 7.36 38.42
C SER B 733 -11.00 8.04 38.28
N CYS B 734 -11.12 8.96 37.32
CA CYS B 734 -12.40 9.65 37.13
C CYS B 734 -13.49 8.68 36.69
N LEU B 735 -13.15 7.73 35.81
CA LEU B 735 -14.15 6.79 35.33
C LEU B 735 -14.49 5.75 36.40
N ARG B 736 -13.56 5.44 37.30
CA ARG B 736 -13.87 4.55 38.41
C ARG B 736 -14.73 5.25 39.46
N ARG B 737 -14.55 6.56 39.62
CA ARG B 737 -15.37 7.32 40.58
C ARG B 737 -16.83 7.34 40.18
N ALA B 738 -17.14 7.09 38.90
CA ALA B 738 -18.51 7.02 38.42
C ALA B 738 -19.10 5.63 38.59
N SER B 739 -18.54 4.81 39.47
CA SER B 739 -19.02 3.44 39.74
C SER B 739 -19.05 2.61 38.47
N MET B 740 -17.92 2.58 37.76
CA MET B 740 -17.77 1.79 36.56
C MET B 740 -16.56 0.89 36.68
N ILE B 741 -16.73 -0.38 36.31
CA ILE B 741 -15.65 -1.36 36.41
C ILE B 741 -14.61 -1.06 35.34
N VAL B 742 -13.39 -0.76 35.77
CA VAL B 742 -12.31 -0.36 34.88
C VAL B 742 -11.12 -1.28 35.10
N LYS B 743 -10.57 -1.82 34.02
CA LYS B 743 -9.34 -2.60 34.08
C LYS B 743 -8.14 -1.66 34.08
N THR B 744 -7.18 -1.93 34.95
CA THR B 744 -6.01 -1.07 35.06
C THR B 744 -5.12 -1.26 33.85
N PRO B 745 -4.84 -0.22 33.07
CA PRO B 745 -3.97 -0.38 31.90
C PRO B 745 -2.50 -0.44 32.27
N GLN B 746 -1.74 -1.22 31.51
CA GLN B 746 -0.30 -1.31 31.71
C GLN B 746 0.50 -0.68 30.58
N CYS B 747 -0.12 -0.43 29.43
CA CYS B 747 0.57 0.14 28.28
C CYS B 747 -0.46 0.83 27.39
N SER B 748 0.05 1.51 26.35
CA SER B 748 -0.76 2.17 25.34
C SER B 748 -1.58 3.32 25.91
N ILE B 749 -2.65 3.70 25.21
CA ILE B 749 -3.40 4.91 25.53
C ILE B 749 -4.87 4.60 25.74
N ASN B 750 -5.23 3.32 25.82
CA ASN B 750 -6.61 2.91 25.87
C ASN B 750 -6.96 2.40 27.27
N VAL B 751 -8.20 2.64 27.67
CA VAL B 751 -8.75 2.18 28.94
C VAL B 751 -10.08 1.50 28.67
N PHE B 752 -10.23 0.27 29.15
CA PHE B 752 -11.44 -0.51 28.96
C PHE B 752 -12.31 -0.43 30.20
N ALA B 753 -13.55 0.01 30.03
CA ALA B 753 -14.49 0.18 31.13
C ALA B 753 -15.84 -0.42 30.76
N GLN B 754 -16.67 -0.63 31.78
CA GLN B 754 -17.99 -1.22 31.57
C GLN B 754 -18.94 -0.67 32.62
N ILE B 755 -20.08 -0.14 32.17
CA ILE B 755 -21.13 0.30 33.09
C ILE B 755 -21.78 -0.92 33.71
N PRO B 756 -21.98 -0.95 35.03
CA PRO B 756 -22.60 -2.12 35.66
C PRO B 756 -24.00 -2.38 35.12
N GLY B 757 -24.32 -3.66 34.95
CA GLY B 757 -25.59 -4.08 34.41
C GLY B 757 -25.67 -4.11 32.90
N SER B 758 -24.61 -3.71 32.20
CA SER B 758 -24.60 -3.72 30.74
C SER B 758 -24.23 -5.10 30.22
N GLU B 759 -24.96 -5.55 29.20
CA GLU B 759 -24.70 -6.85 28.58
C GLU B 759 -24.39 -6.76 27.10
N ASP B 760 -24.63 -5.62 26.46
CA ASP B 760 -24.35 -5.43 25.04
C ASP B 760 -23.45 -4.21 24.88
N SER B 761 -22.30 -4.41 24.24
CA SER B 761 -21.36 -3.30 24.07
C SER B 761 -21.84 -2.31 23.01
N TYR B 762 -22.41 -2.81 21.92
CA TYR B 762 -22.91 -1.91 20.88
C TYR B 762 -24.11 -1.11 21.36
N LEU B 763 -24.98 -1.74 22.17
CA LEU B 763 -26.11 -1.02 22.74
C LEU B 763 -25.64 0.08 23.69
N SER B 764 -24.58 -0.19 24.46
CA SER B 764 -24.03 0.83 25.34
C SER B 764 -23.50 2.02 24.54
N PHE B 765 -22.88 1.75 23.40
CA PHE B 765 -22.42 2.84 22.53
C PHE B 765 -23.60 3.69 22.06
N ARG B 766 -24.71 3.06 21.67
CA ARG B 766 -25.89 3.80 21.24
C ARG B 766 -26.50 4.57 22.40
N ASN B 767 -26.55 3.97 23.58
CA ASN B 767 -27.17 4.63 24.73
C ASN B 767 -26.31 5.79 25.24
N VAL B 768 -25.00 5.56 25.35
CA VAL B 768 -24.12 6.61 25.87
C VAL B 768 -24.08 7.80 24.91
N LEU B 769 -24.01 7.53 23.61
CA LEU B 769 -23.98 8.61 22.62
C LEU B 769 -25.27 9.41 22.59
N ARG B 770 -26.42 8.76 22.81
CA ARG B 770 -27.69 9.46 22.80
C ARG B 770 -27.90 10.30 24.04
N GLU B 771 -27.55 9.78 25.22
CA GLU B 771 -27.79 10.51 26.46
C GLU B 771 -26.64 11.49 26.75
N THR B 772 -25.44 10.97 26.93
CA THR B 772 -24.31 11.83 27.32
C THR B 772 -23.79 12.63 26.14
N GLY B 773 -23.83 12.06 24.94
CA GLY B 773 -23.25 12.69 23.77
C GLY B 773 -21.80 12.33 23.51
N VAL B 774 -21.25 11.37 24.25
CA VAL B 774 -19.87 10.94 24.10
C VAL B 774 -19.87 9.60 23.36
N SER B 775 -18.97 9.48 22.38
CA SER B 775 -18.84 8.27 21.59
C SER B 775 -17.74 7.39 22.18
N VAL B 776 -18.05 6.11 22.37
CA VAL B 776 -17.10 5.15 22.91
C VAL B 776 -17.01 3.97 21.95
N TYR B 777 -15.89 3.25 22.04
CA TYR B 777 -15.61 2.16 21.12
C TYR B 777 -16.13 0.87 21.72
N PRO B 778 -17.17 0.25 21.14
CA PRO B 778 -17.72 -0.97 21.73
C PRO B 778 -16.73 -2.12 21.71
N GLY B 779 -16.87 -3.01 22.70
CA GLY B 779 -15.99 -4.15 22.79
C GLY B 779 -16.22 -5.19 21.71
N ILE B 780 -17.41 -5.23 21.12
CA ILE B 780 -17.67 -6.17 20.03
C ILE B 780 -16.73 -5.89 18.85
N LEU B 781 -16.37 -4.63 18.65
CA LEU B 781 -15.40 -4.27 17.62
C LEU B 781 -13.98 -4.67 17.98
N SER B 782 -13.74 -5.12 19.21
CA SER B 782 -12.47 -5.70 19.62
C SER B 782 -12.56 -7.21 19.81
N PHE B 783 -13.54 -7.84 19.16
CA PHE B 783 -13.79 -9.28 19.26
C PHE B 783 -14.15 -9.71 20.68
N TYR B 784 -14.78 -8.83 21.44
CA TYR B 784 -15.44 -9.19 22.69
C TYR B 784 -16.91 -9.49 22.42
N LEU B 785 -17.15 -10.72 21.97
CA LEU B 785 -18.50 -11.11 21.56
C LEU B 785 -19.49 -11.07 22.72
N ALA B 786 -18.99 -11.19 23.94
CA ALA B 786 -19.81 -11.09 25.13
C ALA B 786 -19.44 -9.85 25.95
N GLY B 787 -20.33 -9.48 26.85
CA GLY B 787 -20.10 -8.34 27.73
C GLY B 787 -20.58 -7.03 27.11
N GLY B 788 -20.50 -5.99 27.93
CA GLY B 788 -20.93 -4.66 27.51
C GLY B 788 -19.87 -3.60 27.70
N GLY B 789 -18.62 -4.02 27.82
CA GLY B 789 -17.55 -3.05 28.00
C GLY B 789 -17.22 -2.30 26.73
N PHE B 790 -16.60 -1.13 26.90
CA PHE B 790 -16.24 -0.29 25.77
C PHE B 790 -14.86 0.30 26.01
N ARG B 791 -14.23 0.73 24.92
CA ARG B 791 -12.89 1.31 24.97
C ARG B 791 -12.98 2.82 25.03
N VAL B 792 -12.22 3.42 25.93
CA VAL B 792 -12.13 4.88 26.08
C VAL B 792 -10.71 5.29 25.76
N THR B 793 -10.55 6.19 24.80
CA THR B 793 -9.23 6.68 24.39
C THR B 793 -8.89 7.92 25.20
N THR B 794 -7.82 7.83 26.00
CA THR B 794 -7.42 8.90 26.90
C THR B 794 -6.38 9.83 26.29
N ALA B 795 -5.93 9.57 25.07
CA ALA B 795 -4.90 10.40 24.44
C ALA B 795 -5.51 11.50 23.58
N ARG B 796 -6.41 12.27 24.18
CA ARG B 796 -7.07 13.39 23.53
C ARG B 796 -6.65 14.69 24.20
N LYS B 797 -7.15 15.81 23.65
CA LYS B 797 -6.94 17.10 24.29
C LYS B 797 -7.63 17.11 25.65
N TRP B 798 -7.00 17.78 26.62
CA TRP B 798 -7.54 17.80 27.97
C TRP B 798 -8.93 18.44 28.01
N GLY B 799 -9.15 19.47 27.19
CA GLY B 799 -10.46 20.09 27.14
C GLY B 799 -11.55 19.13 26.69
N ASP B 800 -11.26 18.33 25.66
CA ASP B 800 -12.23 17.35 25.19
C ASP B 800 -12.33 16.16 26.13
N LEU B 801 -11.19 15.70 26.66
CA LEU B 801 -11.19 14.53 27.54
C LEU B 801 -11.94 14.82 28.84
N HIS B 802 -11.72 16.00 29.43
CA HIS B 802 -12.39 16.34 30.67
C HIS B 802 -13.89 16.46 30.49
N ARG B 803 -14.32 17.12 29.41
CA ARG B 803 -15.75 17.25 29.15
C ARG B 803 -16.39 15.89 28.89
N GLY B 804 -15.71 15.02 28.14
CA GLY B 804 -16.24 13.70 27.89
C GLY B 804 -16.37 12.88 29.16
N LEU B 805 -15.38 12.97 30.05
CA LEU B 805 -15.45 12.26 31.31
C LEU B 805 -16.54 12.84 32.21
N GLU B 806 -16.74 14.15 32.16
CA GLU B 806 -17.74 14.79 33.01
C GLU B 806 -19.15 14.33 32.67
N ARG B 807 -19.48 14.26 31.37
CA ARG B 807 -20.79 13.80 30.96
C ARG B 807 -20.95 12.30 31.07
N LEU B 808 -19.85 11.55 31.08
CA LEU B 808 -19.93 10.11 31.30
C LEU B 808 -20.37 9.82 32.73
N SER B 809 -19.84 10.58 33.70
CA SER B 809 -20.24 10.38 35.09
C SER B 809 -21.67 10.87 35.33
N ALA B 810 -22.02 12.01 34.75
CA ALA B 810 -23.36 12.57 34.95
C ALA B 810 -24.43 11.65 34.35
N GLY B 811 -24.18 11.11 33.16
CA GLY B 811 -25.12 10.23 32.50
C GLY B 811 -25.23 8.87 33.15
#